data_2U2A
# 
_entry.id   2U2A 
# 
_audit_conform.dict_name       mmcif_pdbx.dic 
_audit_conform.dict_version    5.392 
_audit_conform.dict_location   http://mmcif.pdb.org/dictionaries/ascii/mmcif_pdbx.dic 
# 
loop_
_database_2.database_id 
_database_2.database_code 
_database_2.pdbx_database_accession 
_database_2.pdbx_DOI 
PDB   2U2A         pdb_00002u2a 10.2210/pdb2u2a/pdb 
WWPDB D_1000178716 ?            ?                   
# 
loop_
_pdbx_audit_revision_history.ordinal 
_pdbx_audit_revision_history.data_content_type 
_pdbx_audit_revision_history.major_revision 
_pdbx_audit_revision_history.minor_revision 
_pdbx_audit_revision_history.revision_date 
1 'Structure model' 1 0 1998-03-04 
2 'Structure model' 1 1 2008-03-25 
3 'Structure model' 1 2 2011-07-13 
4 'Structure model' 1 3 2022-03-16 
5 'Structure model' 1 4 2024-05-22 
# 
_pdbx_audit_revision_details.ordinal             1 
_pdbx_audit_revision_details.revision_ordinal    1 
_pdbx_audit_revision_details.data_content_type   'Structure model' 
_pdbx_audit_revision_details.provider            repository 
_pdbx_audit_revision_details.type                'Initial release' 
_pdbx_audit_revision_details.description         ? 
_pdbx_audit_revision_details.details             ? 
# 
loop_
_pdbx_audit_revision_group.ordinal 
_pdbx_audit_revision_group.revision_ordinal 
_pdbx_audit_revision_group.data_content_type 
_pdbx_audit_revision_group.group 
1 2 'Structure model' 'Version format compliance' 
2 3 'Structure model' 'Version format compliance' 
3 4 'Structure model' 'Database references'       
4 4 'Structure model' 'Derived calculations'      
5 4 'Structure model' Other                       
6 5 'Structure model' 'Data collection'           
# 
loop_
_pdbx_audit_revision_category.ordinal 
_pdbx_audit_revision_category.revision_ordinal 
_pdbx_audit_revision_category.data_content_type 
_pdbx_audit_revision_category.category 
1 4 'Structure model' database_2            
2 4 'Structure model' pdbx_database_status  
3 4 'Structure model' pdbx_struct_assembly  
4 4 'Structure model' pdbx_struct_oper_list 
5 5 'Structure model' chem_comp_atom        
6 5 'Structure model' chem_comp_bond        
# 
loop_
_pdbx_audit_revision_item.ordinal 
_pdbx_audit_revision_item.revision_ordinal 
_pdbx_audit_revision_item.data_content_type 
_pdbx_audit_revision_item.item 
1 4 'Structure model' '_database_2.pdbx_DOI'                
2 4 'Structure model' '_database_2.pdbx_database_accession' 
3 4 'Structure model' '_pdbx_database_status.process_site'  
# 
_pdbx_database_status.status_code                     REL 
_pdbx_database_status.entry_id                        2U2A 
_pdbx_database_status.recvd_initial_deposition_date   1997-08-20 
_pdbx_database_status.deposit_site                    ? 
_pdbx_database_status.process_site                    BNL 
_pdbx_database_status.SG_entry                        . 
_pdbx_database_status.pdb_format_compatible           Y 
_pdbx_database_status.status_code_mr                  ? 
_pdbx_database_status.status_code_sf                  ? 
_pdbx_database_status.status_code_cs                  ? 
_pdbx_database_status.status_code_nmr_data            ? 
_pdbx_database_status.methods_development_category    ? 
# 
_pdbx_database_related.db_name        PDB 
_pdbx_database_related.db_id          1U2A 
_pdbx_database_related.details        'MINIMIZED AVERAGE STRUCTURE' 
_pdbx_database_related.content_type   unspecified 
# 
loop_
_audit_author.name 
_audit_author.pdbx_ordinal 
'Stallings, S.C.' 1 
'Moore, P.B.'     2 
# 
loop_
_citation.id 
_citation.title 
_citation.journal_abbrev 
_citation.journal_volume 
_citation.page_first 
_citation.page_last 
_citation.year 
_citation.journal_id_ASTM 
_citation.country 
_citation.journal_id_ISSN 
_citation.journal_id_CSD 
_citation.book_publisher 
_citation.pdbx_database_id_PubMed 
_citation.pdbx_database_id_DOI 
primary 'The structure of an essential splicing element: stem loop IIa from yeast U2 snRNA.' Structure    5 1173 1185 1997 STRUE6 
UK 0969-2126 2005 ? 9331416 '10.1016/S0969-2126(97)00268-2' 
1       'Efficient Association of U2 Snrnps with Pre-Mrna Requires an Essential U2 RNA Structural Element' 'Genes Dev.' 5 2521 ? 
1991 GEDEEP US 0890-9369 2056 ? ?       ?                               
2       
'Lethal and Temperature-Sensitive Mutations and Their Suppressors Identify an Essential Structural Element in U2 Small Nuclear RNA' 
'Genes Dev.' 4 2132 ?    1990 GEDEEP US 0890-9369 2056 ? ?       ?                               
# 
loop_
_citation_author.citation_id 
_citation_author.name 
_citation_author.ordinal 
_citation_author.identifier_ORCID 
primary 'Stallings, S.C.' 1 ? 
primary 'Moore, P.B.'     2 ? 
1       'Zavanelli, M.I.' 3 ? 
1       'Ares Junior, M.' 4 ? 
2       'Ares Junior, M.' 5 ? 
2       'Igel, A.H.'      6 ? 
# 
_entity.id                         1 
_entity.type                       polymer 
_entity.src_method                 man 
_entity.pdbx_description           
;RNA (5'-R(P*GP*GP*UP*CP*AP*GP*UP*GP*UP*AP*AP*CP*AP*AP*CP*UP*GP*AP*CP*C)-3')
;
_entity.formula_weight             6406.878 
_entity.pdbx_number_of_molecules   1 
_entity.pdbx_ec                    ? 
_entity.pdbx_mutation              
'TWO TERMINAL BASE PAIRS WERE CHANGED FROM UAS IN STEM LOOP IIA TO GCS IN U2A TO ACCOMMODATE T7 TRANSCRIPTION' 
_entity.pdbx_fragment              'STEM LOOP IIA' 
_entity.details                    ? 
# 
_entity_poly.entity_id                      1 
_entity_poly.type                           polyribonucleotide 
_entity_poly.nstd_linkage                   no 
_entity_poly.nstd_monomer                   no 
_entity_poly.pdbx_seq_one_letter_code       GGUCAGUGUAACAACUGACC 
_entity_poly.pdbx_seq_one_letter_code_can   GGUCAGUGUAACAACUGACC 
_entity_poly.pdbx_strand_id                 A 
_entity_poly.pdbx_target_identifier         ? 
# 
loop_
_entity_poly_seq.entity_id 
_entity_poly_seq.num 
_entity_poly_seq.mon_id 
_entity_poly_seq.hetero 
1 1  G n 
1 2  G n 
1 3  U n 
1 4  C n 
1 5  A n 
1 6  G n 
1 7  U n 
1 8  G n 
1 9  U n 
1 10 A n 
1 11 A n 
1 12 C n 
1 13 A n 
1 14 A n 
1 15 C n 
1 16 U n 
1 17 G n 
1 18 A n 
1 19 C n 
1 20 C n 
# 
_entity_src_gen.entity_id                          1 
_entity_src_gen.pdbx_src_id                        1 
_entity_src_gen.pdbx_alt_source_flag               sample 
_entity_src_gen.pdbx_seq_type                      ? 
_entity_src_gen.pdbx_beg_seq_num                   ? 
_entity_src_gen.pdbx_end_seq_num                   ? 
_entity_src_gen.gene_src_common_name               
;baker's yeast
;
_entity_src_gen.gene_src_genus                     Saccharomyces 
_entity_src_gen.pdbx_gene_src_gene                 ? 
_entity_src_gen.gene_src_species                   ? 
_entity_src_gen.gene_src_strain                    ? 
_entity_src_gen.gene_src_tissue                    ? 
_entity_src_gen.gene_src_tissue_fraction           ? 
_entity_src_gen.gene_src_details                   ? 
_entity_src_gen.pdbx_gene_src_fragment             ? 
_entity_src_gen.pdbx_gene_src_scientific_name      'Saccharomyces cerevisiae' 
_entity_src_gen.pdbx_gene_src_ncbi_taxonomy_id     4932 
_entity_src_gen.pdbx_gene_src_variant              ? 
_entity_src_gen.pdbx_gene_src_cell_line            ? 
_entity_src_gen.pdbx_gene_src_atcc                 ? 
_entity_src_gen.pdbx_gene_src_organ                ? 
_entity_src_gen.pdbx_gene_src_organelle            ? 
_entity_src_gen.pdbx_gene_src_cell                 ? 
_entity_src_gen.pdbx_gene_src_cellular_location    ? 
_entity_src_gen.host_org_common_name               ? 
_entity_src_gen.pdbx_host_org_scientific_name      'Escherichia coli' 
_entity_src_gen.pdbx_host_org_ncbi_taxonomy_id     562 
_entity_src_gen.host_org_genus                     Escherichia 
_entity_src_gen.pdbx_host_org_gene                 ? 
_entity_src_gen.pdbx_host_org_organ                ? 
_entity_src_gen.host_org_species                   ? 
_entity_src_gen.pdbx_host_org_tissue               ? 
_entity_src_gen.pdbx_host_org_tissue_fraction      ? 
_entity_src_gen.pdbx_host_org_strain               ? 
_entity_src_gen.pdbx_host_org_variant              ? 
_entity_src_gen.pdbx_host_org_cell_line            ? 
_entity_src_gen.pdbx_host_org_atcc                 ? 
_entity_src_gen.pdbx_host_org_culture_collection   ? 
_entity_src_gen.pdbx_host_org_cell                 ? 
_entity_src_gen.pdbx_host_org_organelle            ? 
_entity_src_gen.pdbx_host_org_cellular_location    ? 
_entity_src_gen.pdbx_host_org_vector_type          T7 
_entity_src_gen.pdbx_host_org_vector               ? 
_entity_src_gen.host_org_details                   ? 
_entity_src_gen.expression_system_id               ? 
_entity_src_gen.plasmid_name                       ? 
_entity_src_gen.plasmid_details                    ? 
_entity_src_gen.pdbx_description                   
'MOLECULE TRANSCRIBED FROM A PARTIALLY SINGLE-STRANDED DNA TEMPLATE USING T7 RNA POLYMERASE' 
# 
loop_
_chem_comp.id 
_chem_comp.type 
_chem_comp.mon_nstd_flag 
_chem_comp.name 
_chem_comp.pdbx_synonyms 
_chem_comp.formula 
_chem_comp.formula_weight 
A 'RNA linking' y "ADENOSINE-5'-MONOPHOSPHATE" ? 'C10 H14 N5 O7 P' 347.221 
C 'RNA linking' y "CYTIDINE-5'-MONOPHOSPHATE"  ? 'C9 H14 N3 O8 P'  323.197 
G 'RNA linking' y "GUANOSINE-5'-MONOPHOSPHATE" ? 'C10 H14 N5 O8 P' 363.221 
U 'RNA linking' y "URIDINE-5'-MONOPHOSPHATE"   ? 'C9 H13 N2 O9 P'  324.181 
# 
loop_
_pdbx_poly_seq_scheme.asym_id 
_pdbx_poly_seq_scheme.entity_id 
_pdbx_poly_seq_scheme.seq_id 
_pdbx_poly_seq_scheme.mon_id 
_pdbx_poly_seq_scheme.ndb_seq_num 
_pdbx_poly_seq_scheme.pdb_seq_num 
_pdbx_poly_seq_scheme.auth_seq_num 
_pdbx_poly_seq_scheme.pdb_mon_id 
_pdbx_poly_seq_scheme.auth_mon_id 
_pdbx_poly_seq_scheme.pdb_strand_id 
_pdbx_poly_seq_scheme.pdb_ins_code 
_pdbx_poly_seq_scheme.hetero 
A 1 1  G 1  1  1  G G A . n 
A 1 2  G 2  2  2  G G A . n 
A 1 3  U 3  3  3  U U A . n 
A 1 4  C 4  4  4  C C A . n 
A 1 5  A 5  5  5  A A A . n 
A 1 6  G 6  6  6  G G A . n 
A 1 7  U 7  7  7  U U A . n 
A 1 8  G 8  8  8  G G A . n 
A 1 9  U 9  9  9  U U A . n 
A 1 10 A 10 10 10 A A A . n 
A 1 11 A 11 11 11 A A A . n 
A 1 12 C 12 12 12 C C A . n 
A 1 13 A 13 13 13 A A A . n 
A 1 14 A 14 14 14 A A A . n 
A 1 15 C 15 15 15 C C A . n 
A 1 16 U 16 16 16 U U A . n 
A 1 17 G 17 17 17 G G A . n 
A 1 18 A 18 18 18 A A A . n 
A 1 19 C 19 19 19 C C A . n 
A 1 20 C 20 20 20 C C A . n 
# 
loop_
_software.name 
_software.classification 
_software.version 
_software.citation_id 
_software.pdbx_ordinal 
X-PLOR 'model building' 3.851 ? 1 
X-PLOR refinement       3.851 ? 2 
X-PLOR phasing          3.851 ? 3 
# 
_cell.entry_id           2U2A 
_cell.length_a           1.000 
_cell.length_b           1.000 
_cell.length_c           1.000 
_cell.angle_alpha        90.00 
_cell.angle_beta         90.00 
_cell.angle_gamma        90.00 
_cell.Z_PDB              1 
_cell.pdbx_unique_axis   ? 
# 
_symmetry.entry_id                         2U2A 
_symmetry.space_group_name_H-M             'P 1' 
_symmetry.pdbx_full_space_group_name_H-M   ? 
_symmetry.cell_setting                     ? 
_symmetry.Int_Tables_number                1 
# 
_exptl.entry_id          2U2A 
_exptl.method            'SOLUTION NMR' 
_exptl.crystals_number   ? 
# 
_struct.entry_id                  2U2A 
_struct.title                     'STEM LOOP IIA FROM U2 SNRNA OF SACCHAROMYCES CEREVISIAE, NMR, MINIMIZED AVERAGE STRUCTURE' 
_struct.pdbx_model_details        ? 
_struct.pdbx_CASP_flag            ? 
_struct.pdbx_model_type_details   ? 
# 
_struct_keywords.entry_id        2U2A 
_struct_keywords.pdbx_keywords   RNA 
_struct_keywords.text            'PRE-MRNA SPLICING, U2SNRNA, U-TURN, RNA-PROTEIN INTERACTIONS, RIBONUCLEIC ACID, RNA' 
# 
_struct_asym.id                            A 
_struct_asym.pdbx_blank_PDB_chainid_flag   N 
_struct_asym.pdbx_modified                 N 
_struct_asym.entity_id                     1 
_struct_asym.details                       ? 
# 
_struct_ref.id                         1 
_struct_ref.entity_id                  1 
_struct_ref.db_name                    PDB 
_struct_ref.db_code                    2U2A 
_struct_ref.pdbx_db_accession          2U2A 
_struct_ref.pdbx_db_isoform            ? 
_struct_ref.pdbx_seq_one_letter_code   ? 
_struct_ref.pdbx_align_begin           ? 
# 
_struct_ref_seq.align_id                      1 
_struct_ref_seq.ref_id                        1 
_struct_ref_seq.pdbx_PDB_id_code              2U2A 
_struct_ref_seq.pdbx_strand_id                A 
_struct_ref_seq.seq_align_beg                 1 
_struct_ref_seq.pdbx_seq_align_beg_ins_code   ? 
_struct_ref_seq.seq_align_end                 20 
_struct_ref_seq.pdbx_seq_align_end_ins_code   ? 
_struct_ref_seq.pdbx_db_accession             2U2A 
_struct_ref_seq.db_align_beg                  1 
_struct_ref_seq.pdbx_db_align_beg_ins_code    ? 
_struct_ref_seq.db_align_end                  20 
_struct_ref_seq.pdbx_db_align_end_ins_code    ? 
_struct_ref_seq.pdbx_auth_seq_align_beg       1 
_struct_ref_seq.pdbx_auth_seq_align_end       20 
# 
_pdbx_struct_assembly.id                   1 
_pdbx_struct_assembly.details              author_defined_assembly 
_pdbx_struct_assembly.method_details       ? 
_pdbx_struct_assembly.oligomeric_details   monomeric 
_pdbx_struct_assembly.oligomeric_count     1 
# 
_pdbx_struct_assembly_gen.assembly_id       1 
_pdbx_struct_assembly_gen.oper_expression   1 
_pdbx_struct_assembly_gen.asym_id_list      A 
# 
_pdbx_struct_oper_list.id                   1 
_pdbx_struct_oper_list.type                 'identity operation' 
_pdbx_struct_oper_list.name                 1_555 
_pdbx_struct_oper_list.symmetry_operation   x,y,z 
_pdbx_struct_oper_list.matrix[1][1]         1.0000000000 
_pdbx_struct_oper_list.matrix[1][2]         0.0000000000 
_pdbx_struct_oper_list.matrix[1][3]         0.0000000000 
_pdbx_struct_oper_list.vector[1]            0.0000000000 
_pdbx_struct_oper_list.matrix[2][1]         0.0000000000 
_pdbx_struct_oper_list.matrix[2][2]         1.0000000000 
_pdbx_struct_oper_list.matrix[2][3]         0.0000000000 
_pdbx_struct_oper_list.vector[2]            0.0000000000 
_pdbx_struct_oper_list.matrix[3][1]         0.0000000000 
_pdbx_struct_oper_list.matrix[3][2]         0.0000000000 
_pdbx_struct_oper_list.matrix[3][3]         1.0000000000 
_pdbx_struct_oper_list.vector[3]            0.0000000000 
# 
_struct_biol.id   1 
# 
loop_
_struct_conn.id 
_struct_conn.conn_type_id 
_struct_conn.pdbx_leaving_atom_flag 
_struct_conn.pdbx_PDB_id 
_struct_conn.ptnr1_label_asym_id 
_struct_conn.ptnr1_label_comp_id 
_struct_conn.ptnr1_label_seq_id 
_struct_conn.ptnr1_label_atom_id 
_struct_conn.pdbx_ptnr1_label_alt_id 
_struct_conn.pdbx_ptnr1_PDB_ins_code 
_struct_conn.pdbx_ptnr1_standard_comp_id 
_struct_conn.ptnr1_symmetry 
_struct_conn.ptnr2_label_asym_id 
_struct_conn.ptnr2_label_comp_id 
_struct_conn.ptnr2_label_seq_id 
_struct_conn.ptnr2_label_atom_id 
_struct_conn.pdbx_ptnr2_label_alt_id 
_struct_conn.pdbx_ptnr2_PDB_ins_code 
_struct_conn.ptnr1_auth_asym_id 
_struct_conn.ptnr1_auth_comp_id 
_struct_conn.ptnr1_auth_seq_id 
_struct_conn.ptnr2_auth_asym_id 
_struct_conn.ptnr2_auth_comp_id 
_struct_conn.ptnr2_auth_seq_id 
_struct_conn.ptnr2_symmetry 
_struct_conn.pdbx_ptnr3_label_atom_id 
_struct_conn.pdbx_ptnr3_label_seq_id 
_struct_conn.pdbx_ptnr3_label_comp_id 
_struct_conn.pdbx_ptnr3_label_asym_id 
_struct_conn.pdbx_ptnr3_label_alt_id 
_struct_conn.pdbx_ptnr3_PDB_ins_code 
_struct_conn.details 
_struct_conn.pdbx_dist_value 
_struct_conn.pdbx_value_order 
_struct_conn.pdbx_role 
hydrog1  hydrog ? ? A G 1 N1 ? ? ? 1_555 A C 20 N3 ? ? A G 1 A C 20 1_555 ? ? ? ? ? ? WATSON-CRICK ? ? ? 
hydrog2  hydrog ? ? A G 1 N2 ? ? ? 1_555 A C 20 O2 ? ? A G 1 A C 20 1_555 ? ? ? ? ? ? WATSON-CRICK ? ? ? 
hydrog3  hydrog ? ? A G 1 O6 ? ? ? 1_555 A C 20 N4 ? ? A G 1 A C 20 1_555 ? ? ? ? ? ? WATSON-CRICK ? ? ? 
hydrog4  hydrog ? ? A G 2 N1 ? ? ? 1_555 A C 19 N3 ? ? A G 2 A C 19 1_555 ? ? ? ? ? ? WATSON-CRICK ? ? ? 
hydrog5  hydrog ? ? A G 2 N2 ? ? ? 1_555 A C 19 O2 ? ? A G 2 A C 19 1_555 ? ? ? ? ? ? WATSON-CRICK ? ? ? 
hydrog6  hydrog ? ? A G 2 O6 ? ? ? 1_555 A C 19 N4 ? ? A G 2 A C 19 1_555 ? ? ? ? ? ? WATSON-CRICK ? ? ? 
hydrog7  hydrog ? ? A U 3 N3 ? ? ? 1_555 A A 18 N1 ? ? A U 3 A A 18 1_555 ? ? ? ? ? ? WATSON-CRICK ? ? ? 
hydrog8  hydrog ? ? A U 3 O4 ? ? ? 1_555 A A 18 N6 ? ? A U 3 A A 18 1_555 ? ? ? ? ? ? WATSON-CRICK ? ? ? 
hydrog9  hydrog ? ? A C 4 N3 ? ? ? 1_555 A G 17 N1 ? ? A C 4 A G 17 1_555 ? ? ? ? ? ? WATSON-CRICK ? ? ? 
hydrog10 hydrog ? ? A C 4 N4 ? ? ? 1_555 A G 17 O6 ? ? A C 4 A G 17 1_555 ? ? ? ? ? ? WATSON-CRICK ? ? ? 
hydrog11 hydrog ? ? A C 4 O2 ? ? ? 1_555 A G 17 N2 ? ? A C 4 A G 17 1_555 ? ? ? ? ? ? WATSON-CRICK ? ? ? 
hydrog12 hydrog ? ? A A 5 N1 ? ? ? 1_555 A U 16 N3 ? ? A A 5 A U 16 1_555 ? ? ? ? ? ? WATSON-CRICK ? ? ? 
hydrog13 hydrog ? ? A A 5 N6 ? ? ? 1_555 A U 16 O4 ? ? A A 5 A U 16 1_555 ? ? ? ? ? ? WATSON-CRICK ? ? ? 
hydrog14 hydrog ? ? A G 6 N1 ? ? ? 1_555 A C 15 N3 ? ? A G 6 A C 15 1_555 ? ? ? ? ? ? WATSON-CRICK ? ? ? 
hydrog15 hydrog ? ? A G 6 N2 ? ? ? 1_555 A C 15 O2 ? ? A G 6 A C 15 1_555 ? ? ? ? ? ? WATSON-CRICK ? ? ? 
hydrog16 hydrog ? ? A G 6 O6 ? ? ? 1_555 A C 15 N4 ? ? A G 6 A C 15 1_555 ? ? ? ? ? ? WATSON-CRICK ? ? ? 
hydrog17 hydrog ? ? A U 7 N3 ? ? ? 1_555 A A 14 N1 ? ? A U 7 A A 14 1_555 ? ? ? ? ? ? WATSON-CRICK ? ? ? 
hydrog18 hydrog ? ? A U 7 O4 ? ? ? 1_555 A A 14 N6 ? ? A U 7 A A 14 1_555 ? ? ? ? ? ? WATSON-CRICK ? ? ? 
hydrog19 hydrog ? ? A G 8 N2 ? ? ? 1_555 A A 13 N7 ? ? A G 8 A A 13 1_555 ? ? ? ? ? ? TYPE_11_PAIR ? ? ? 
hydrog20 hydrog ? ? A G 8 N3 ? ? ? 1_555 A A 13 N6 ? ? A G 8 A A 13 1_555 ? ? ? ? ? ? TYPE_11_PAIR ? ? ? 
# 
_struct_conn_type.id          hydrog 
_struct_conn_type.criteria    ? 
_struct_conn_type.reference   ? 
# 
loop_
_pdbx_validate_close_contact.id 
_pdbx_validate_close_contact.PDB_model_num 
_pdbx_validate_close_contact.auth_atom_id_1 
_pdbx_validate_close_contact.auth_asym_id_1 
_pdbx_validate_close_contact.auth_comp_id_1 
_pdbx_validate_close_contact.auth_seq_id_1 
_pdbx_validate_close_contact.PDB_ins_code_1 
_pdbx_validate_close_contact.label_alt_id_1 
_pdbx_validate_close_contact.auth_atom_id_2 
_pdbx_validate_close_contact.auth_asym_id_2 
_pdbx_validate_close_contact.auth_comp_id_2 
_pdbx_validate_close_contact.auth_seq_id_2 
_pdbx_validate_close_contact.PDB_ins_code_2 
_pdbx_validate_close_contact.label_alt_id_2 
_pdbx_validate_close_contact.dist 
1 1 O6  A G 1 ? ? H41 A C 20 ? ? 1.47 
2 1 N1  A A 5 ? ? H3  A U 16 ? ? 1.54 
3 1 H21 A G 1 ? ? O2  A C 20 ? ? 1.58 
4 1 H21 A G 6 ? ? O2  A C 15 ? ? 1.58 
5 1 H3  A U 3 ? ? N1  A A 18 ? ? 1.59 
6 1 H1  A G 1 ? ? N3  A C 20 ? ? 1.60 
7 1 O4  A U 7 ? ? H61 A A 14 ? ? 1.60 
8 1 H21 A G 2 ? ? O2  A C 19 ? ? 1.60 
# 
_pdbx_nmr_ensemble.entry_id                             2U2A 
_pdbx_nmr_ensemble.conformers_calculated_total_number   15 
_pdbx_nmr_ensemble.conformers_submitted_total_number    1 
_pdbx_nmr_ensemble.conformer_selection_criteria         'LEAST RESTRAINT VIOLATIONS' 
# 
_pdbx_nmr_exptl_sample_conditions.conditions_id       1 
_pdbx_nmr_exptl_sample_conditions.temperature         303 
_pdbx_nmr_exptl_sample_conditions.pressure            '1 ATM SOLVENT SYSTEM : 10MM KH2PO4, 50 MM KCL, 15 MM NACL, 0.5 MM EDTA' 
_pdbx_nmr_exptl_sample_conditions.pH                  7.6 
_pdbx_nmr_exptl_sample_conditions.ionic_strength      '75 mM' 
_pdbx_nmr_exptl_sample_conditions.pressure_units      atm 
_pdbx_nmr_exptl_sample_conditions.temperature_units   K 
# 
loop_
_pdbx_nmr_exptl.experiment_id 
_pdbx_nmr_exptl.conditions_id 
_pdbx_nmr_exptl.type 
_pdbx_nmr_exptl.solution_id 
1 1 'NOESY(D2O)'               1 
2 1 'NOESY(H2))'               1 
3 1 DQF-COSY                   1 
4 1 HP-COSY                    1 
5 1 'HCP SPIN-ECHO DIFFERENCE' 1 
6 1 'CH CT-HSQC'               1 
7 1 '3D HCCH-TOCSY'            1 
8 1 '3D HCCH-TOCSY'            1 
9 1 HCCH-COSY                  1 
# 
_pdbx_nmr_refine.entry_id           2U2A 
_pdbx_nmr_refine.method             'molecular dynamics' 
_pdbx_nmr_refine.details            
'REFINEMENT WAS DONE USING TORSION ANGLE MOLECULAR DYNAMICS. DETAILS OF THE PROTOCOL CAN BE FOUND IN THE STRUCTURE CITATION ABOVE.' 
_pdbx_nmr_refine.software_ordinal   1 
# 
loop_
_pdbx_nmr_software.classification 
_pdbx_nmr_software.name 
_pdbx_nmr_software.version 
_pdbx_nmr_software.authors 
_pdbx_nmr_software.ordinal 
refinement           X-PLOR     3.851 BRUNGER 1 
'structure solution' FELIX95    ?     ?       2 
'structure solution' XPLOR3.851 ?     ?       3 
# 
loop_
_chem_comp_atom.comp_id 
_chem_comp_atom.atom_id 
_chem_comp_atom.type_symbol 
_chem_comp_atom.pdbx_aromatic_flag 
_chem_comp_atom.pdbx_stereo_config 
_chem_comp_atom.pdbx_ordinal 
A OP3    O N N 1   
A P      P N N 2   
A OP1    O N N 3   
A OP2    O N N 4   
A "O5'"  O N N 5   
A "C5'"  C N N 6   
A "C4'"  C N R 7   
A "O4'"  O N N 8   
A "C3'"  C N S 9   
A "O3'"  O N N 10  
A "C2'"  C N R 11  
A "O2'"  O N N 12  
A "C1'"  C N R 13  
A N9     N Y N 14  
A C8     C Y N 15  
A N7     N Y N 16  
A C5     C Y N 17  
A C6     C Y N 18  
A N6     N N N 19  
A N1     N Y N 20  
A C2     C Y N 21  
A N3     N Y N 22  
A C4     C Y N 23  
A HOP3   H N N 24  
A HOP2   H N N 25  
A "H5'"  H N N 26  
A "H5''" H N N 27  
A "H4'"  H N N 28  
A "H3'"  H N N 29  
A "HO3'" H N N 30  
A "H2'"  H N N 31  
A "HO2'" H N N 32  
A "H1'"  H N N 33  
A H8     H N N 34  
A H61    H N N 35  
A H62    H N N 36  
A H2     H N N 37  
C OP3    O N N 38  
C P      P N N 39  
C OP1    O N N 40  
C OP2    O N N 41  
C "O5'"  O N N 42  
C "C5'"  C N N 43  
C "C4'"  C N R 44  
C "O4'"  O N N 45  
C "C3'"  C N S 46  
C "O3'"  O N N 47  
C "C2'"  C N R 48  
C "O2'"  O N N 49  
C "C1'"  C N R 50  
C N1     N N N 51  
C C2     C N N 52  
C O2     O N N 53  
C N3     N N N 54  
C C4     C N N 55  
C N4     N N N 56  
C C5     C N N 57  
C C6     C N N 58  
C HOP3   H N N 59  
C HOP2   H N N 60  
C "H5'"  H N N 61  
C "H5''" H N N 62  
C "H4'"  H N N 63  
C "H3'"  H N N 64  
C "HO3'" H N N 65  
C "H2'"  H N N 66  
C "HO2'" H N N 67  
C "H1'"  H N N 68  
C H41    H N N 69  
C H42    H N N 70  
C H5     H N N 71  
C H6     H N N 72  
G OP3    O N N 73  
G P      P N N 74  
G OP1    O N N 75  
G OP2    O N N 76  
G "O5'"  O N N 77  
G "C5'"  C N N 78  
G "C4'"  C N R 79  
G "O4'"  O N N 80  
G "C3'"  C N S 81  
G "O3'"  O N N 82  
G "C2'"  C N R 83  
G "O2'"  O N N 84  
G "C1'"  C N R 85  
G N9     N Y N 86  
G C8     C Y N 87  
G N7     N Y N 88  
G C5     C Y N 89  
G C6     C N N 90  
G O6     O N N 91  
G N1     N N N 92  
G C2     C N N 93  
G N2     N N N 94  
G N3     N N N 95  
G C4     C Y N 96  
G HOP3   H N N 97  
G HOP2   H N N 98  
G "H5'"  H N N 99  
G "H5''" H N N 100 
G "H4'"  H N N 101 
G "H3'"  H N N 102 
G "HO3'" H N N 103 
G "H2'"  H N N 104 
G "HO2'" H N N 105 
G "H1'"  H N N 106 
G H8     H N N 107 
G H1     H N N 108 
G H21    H N N 109 
G H22    H N N 110 
U OP3    O N N 111 
U P      P N N 112 
U OP1    O N N 113 
U OP2    O N N 114 
U "O5'"  O N N 115 
U "C5'"  C N N 116 
U "C4'"  C N R 117 
U "O4'"  O N N 118 
U "C3'"  C N S 119 
U "O3'"  O N N 120 
U "C2'"  C N R 121 
U "O2'"  O N N 122 
U "C1'"  C N R 123 
U N1     N N N 124 
U C2     C N N 125 
U O2     O N N 126 
U N3     N N N 127 
U C4     C N N 128 
U O4     O N N 129 
U C5     C N N 130 
U C6     C N N 131 
U HOP3   H N N 132 
U HOP2   H N N 133 
U "H5'"  H N N 134 
U "H5''" H N N 135 
U "H4'"  H N N 136 
U "H3'"  H N N 137 
U "HO3'" H N N 138 
U "H2'"  H N N 139 
U "HO2'" H N N 140 
U "H1'"  H N N 141 
U H3     H N N 142 
U H5     H N N 143 
U H6     H N N 144 
# 
loop_
_chem_comp_bond.comp_id 
_chem_comp_bond.atom_id_1 
_chem_comp_bond.atom_id_2 
_chem_comp_bond.value_order 
_chem_comp_bond.pdbx_aromatic_flag 
_chem_comp_bond.pdbx_stereo_config 
_chem_comp_bond.pdbx_ordinal 
A OP3   P      sing N N 1   
A OP3   HOP3   sing N N 2   
A P     OP1    doub N N 3   
A P     OP2    sing N N 4   
A P     "O5'"  sing N N 5   
A OP2   HOP2   sing N N 6   
A "O5'" "C5'"  sing N N 7   
A "C5'" "C4'"  sing N N 8   
A "C5'" "H5'"  sing N N 9   
A "C5'" "H5''" sing N N 10  
A "C4'" "O4'"  sing N N 11  
A "C4'" "C3'"  sing N N 12  
A "C4'" "H4'"  sing N N 13  
A "O4'" "C1'"  sing N N 14  
A "C3'" "O3'"  sing N N 15  
A "C3'" "C2'"  sing N N 16  
A "C3'" "H3'"  sing N N 17  
A "O3'" "HO3'" sing N N 18  
A "C2'" "O2'"  sing N N 19  
A "C2'" "C1'"  sing N N 20  
A "C2'" "H2'"  sing N N 21  
A "O2'" "HO2'" sing N N 22  
A "C1'" N9     sing N N 23  
A "C1'" "H1'"  sing N N 24  
A N9    C8     sing Y N 25  
A N9    C4     sing Y N 26  
A C8    N7     doub Y N 27  
A C8    H8     sing N N 28  
A N7    C5     sing Y N 29  
A C5    C6     sing Y N 30  
A C5    C4     doub Y N 31  
A C6    N6     sing N N 32  
A C6    N1     doub Y N 33  
A N6    H61    sing N N 34  
A N6    H62    sing N N 35  
A N1    C2     sing Y N 36  
A C2    N3     doub Y N 37  
A C2    H2     sing N N 38  
A N3    C4     sing Y N 39  
C OP3   P      sing N N 40  
C OP3   HOP3   sing N N 41  
C P     OP1    doub N N 42  
C P     OP2    sing N N 43  
C P     "O5'"  sing N N 44  
C OP2   HOP2   sing N N 45  
C "O5'" "C5'"  sing N N 46  
C "C5'" "C4'"  sing N N 47  
C "C5'" "H5'"  sing N N 48  
C "C5'" "H5''" sing N N 49  
C "C4'" "O4'"  sing N N 50  
C "C4'" "C3'"  sing N N 51  
C "C4'" "H4'"  sing N N 52  
C "O4'" "C1'"  sing N N 53  
C "C3'" "O3'"  sing N N 54  
C "C3'" "C2'"  sing N N 55  
C "C3'" "H3'"  sing N N 56  
C "O3'" "HO3'" sing N N 57  
C "C2'" "O2'"  sing N N 58  
C "C2'" "C1'"  sing N N 59  
C "C2'" "H2'"  sing N N 60  
C "O2'" "HO2'" sing N N 61  
C "C1'" N1     sing N N 62  
C "C1'" "H1'"  sing N N 63  
C N1    C2     sing N N 64  
C N1    C6     sing N N 65  
C C2    O2     doub N N 66  
C C2    N3     sing N N 67  
C N3    C4     doub N N 68  
C C4    N4     sing N N 69  
C C4    C5     sing N N 70  
C N4    H41    sing N N 71  
C N4    H42    sing N N 72  
C C5    C6     doub N N 73  
C C5    H5     sing N N 74  
C C6    H6     sing N N 75  
G OP3   P      sing N N 76  
G OP3   HOP3   sing N N 77  
G P     OP1    doub N N 78  
G P     OP2    sing N N 79  
G P     "O5'"  sing N N 80  
G OP2   HOP2   sing N N 81  
G "O5'" "C5'"  sing N N 82  
G "C5'" "C4'"  sing N N 83  
G "C5'" "H5'"  sing N N 84  
G "C5'" "H5''" sing N N 85  
G "C4'" "O4'"  sing N N 86  
G "C4'" "C3'"  sing N N 87  
G "C4'" "H4'"  sing N N 88  
G "O4'" "C1'"  sing N N 89  
G "C3'" "O3'"  sing N N 90  
G "C3'" "C2'"  sing N N 91  
G "C3'" "H3'"  sing N N 92  
G "O3'" "HO3'" sing N N 93  
G "C2'" "O2'"  sing N N 94  
G "C2'" "C1'"  sing N N 95  
G "C2'" "H2'"  sing N N 96  
G "O2'" "HO2'" sing N N 97  
G "C1'" N9     sing N N 98  
G "C1'" "H1'"  sing N N 99  
G N9    C8     sing Y N 100 
G N9    C4     sing Y N 101 
G C8    N7     doub Y N 102 
G C8    H8     sing N N 103 
G N7    C5     sing Y N 104 
G C5    C6     sing N N 105 
G C5    C4     doub Y N 106 
G C6    O6     doub N N 107 
G C6    N1     sing N N 108 
G N1    C2     sing N N 109 
G N1    H1     sing N N 110 
G C2    N2     sing N N 111 
G C2    N3     doub N N 112 
G N2    H21    sing N N 113 
G N2    H22    sing N N 114 
G N3    C4     sing N N 115 
U OP3   P      sing N N 116 
U OP3   HOP3   sing N N 117 
U P     OP1    doub N N 118 
U P     OP2    sing N N 119 
U P     "O5'"  sing N N 120 
U OP2   HOP2   sing N N 121 
U "O5'" "C5'"  sing N N 122 
U "C5'" "C4'"  sing N N 123 
U "C5'" "H5'"  sing N N 124 
U "C5'" "H5''" sing N N 125 
U "C4'" "O4'"  sing N N 126 
U "C4'" "C3'"  sing N N 127 
U "C4'" "H4'"  sing N N 128 
U "O4'" "C1'"  sing N N 129 
U "C3'" "O3'"  sing N N 130 
U "C3'" "C2'"  sing N N 131 
U "C3'" "H3'"  sing N N 132 
U "O3'" "HO3'" sing N N 133 
U "C2'" "O2'"  sing N N 134 
U "C2'" "C1'"  sing N N 135 
U "C2'" "H2'"  sing N N 136 
U "O2'" "HO2'" sing N N 137 
U "C1'" N1     sing N N 138 
U "C1'" "H1'"  sing N N 139 
U N1    C2     sing N N 140 
U N1    C6     sing N N 141 
U C2    O2     doub N N 142 
U C2    N3     sing N N 143 
U N3    C4     sing N N 144 
U N3    H3     sing N N 145 
U C4    O4     doub N N 146 
U C4    C5     sing N N 147 
U C5    C6     doub N N 148 
U C5    H5     sing N N 149 
U C6    H6     sing N N 150 
# 
loop_
_ndb_struct_conf_na.entry_id 
_ndb_struct_conf_na.feature 
2U2A 'double helix'         
2U2A 'a-form double helix'  
2U2A 'hairpin loop'         
2U2A 'mismatched base pair' 
# 
loop_
_ndb_struct_na_base_pair.model_number 
_ndb_struct_na_base_pair.i_label_asym_id 
_ndb_struct_na_base_pair.i_label_comp_id 
_ndb_struct_na_base_pair.i_label_seq_id 
_ndb_struct_na_base_pair.i_symmetry 
_ndb_struct_na_base_pair.j_label_asym_id 
_ndb_struct_na_base_pair.j_label_comp_id 
_ndb_struct_na_base_pair.j_label_seq_id 
_ndb_struct_na_base_pair.j_symmetry 
_ndb_struct_na_base_pair.shear 
_ndb_struct_na_base_pair.stretch 
_ndb_struct_na_base_pair.stagger 
_ndb_struct_na_base_pair.buckle 
_ndb_struct_na_base_pair.propeller 
_ndb_struct_na_base_pair.opening 
_ndb_struct_na_base_pair.pair_number 
_ndb_struct_na_base_pair.pair_name 
_ndb_struct_na_base_pair.i_auth_asym_id 
_ndb_struct_na_base_pair.i_auth_seq_id 
_ndb_struct_na_base_pair.i_PDB_ins_code 
_ndb_struct_na_base_pair.j_auth_asym_id 
_ndb_struct_na_base_pair.j_auth_seq_id 
_ndb_struct_na_base_pair.j_PDB_ins_code 
_ndb_struct_na_base_pair.hbond_type_28 
_ndb_struct_na_base_pair.hbond_type_12 
1 A G 1 1_555 A C 20 1_555 -0.185 -0.470 0.010  -1.344  -0.894 -3.056 1 A_G1:C20_A A 1 ? A 20 ? 19 1 
1 A G 2 1_555 A C 19 1_555 -1.077 -0.324 0.029  0.134   -3.198 5.752  2 A_G2:C19_A A 2 ? A 19 ? 19 1 
1 A U 3 1_555 A A 18 1_555 0.109  -0.357 0.017  0.469   -1.228 2.023  3 A_U3:A18_A A 3 ? A 18 ? 20 1 
1 A C 4 1_555 A G 17 1_555 0.905  -0.436 0.019  -0.915  -3.150 2.250  4 A_C4:G17_A A 4 ? A 17 ? 19 1 
1 A A 5 1_555 A U 16 1_555 -0.159 -0.427 -0.068 0.048   -0.702 1.440  5 A_A5:U16_A A 5 ? A 16 ? 20 1 
1 A G 6 1_555 A C 15 1_555 -1.038 -0.356 -0.077 -1.651  -1.047 5.385  6 A_G6:C15_A A 6 ? A 15 ? 19 1 
1 A U 7 1_555 A A 14 1_555 -0.192 -0.301 0.505  -15.501 -2.091 -3.329 7 A_U7:A14_A A 7 ? A 14 ? 20 1 
1 A G 8 1_555 A A 13 1_555 6.052  -3.119 1.775  -0.670  -1.751 -6.704 8 A_G8:A13_A A 8 ? A 13 ? 11 9 
# 
loop_
_ndb_struct_na_base_pair_step.model_number 
_ndb_struct_na_base_pair_step.i_label_asym_id_1 
_ndb_struct_na_base_pair_step.i_label_comp_id_1 
_ndb_struct_na_base_pair_step.i_label_seq_id_1 
_ndb_struct_na_base_pair_step.i_symmetry_1 
_ndb_struct_na_base_pair_step.j_label_asym_id_1 
_ndb_struct_na_base_pair_step.j_label_comp_id_1 
_ndb_struct_na_base_pair_step.j_label_seq_id_1 
_ndb_struct_na_base_pair_step.j_symmetry_1 
_ndb_struct_na_base_pair_step.i_label_asym_id_2 
_ndb_struct_na_base_pair_step.i_label_comp_id_2 
_ndb_struct_na_base_pair_step.i_label_seq_id_2 
_ndb_struct_na_base_pair_step.i_symmetry_2 
_ndb_struct_na_base_pair_step.j_label_asym_id_2 
_ndb_struct_na_base_pair_step.j_label_comp_id_2 
_ndb_struct_na_base_pair_step.j_label_seq_id_2 
_ndb_struct_na_base_pair_step.j_symmetry_2 
_ndb_struct_na_base_pair_step.shift 
_ndb_struct_na_base_pair_step.slide 
_ndb_struct_na_base_pair_step.rise 
_ndb_struct_na_base_pair_step.tilt 
_ndb_struct_na_base_pair_step.roll 
_ndb_struct_na_base_pair_step.twist 
_ndb_struct_na_base_pair_step.x_displacement 
_ndb_struct_na_base_pair_step.y_displacement 
_ndb_struct_na_base_pair_step.helical_rise 
_ndb_struct_na_base_pair_step.inclination 
_ndb_struct_na_base_pair_step.tip 
_ndb_struct_na_base_pair_step.helical_twist 
_ndb_struct_na_base_pair_step.step_number 
_ndb_struct_na_base_pair_step.step_name 
_ndb_struct_na_base_pair_step.i_auth_asym_id_1 
_ndb_struct_na_base_pair_step.i_auth_seq_id_1 
_ndb_struct_na_base_pair_step.i_PDB_ins_code_1 
_ndb_struct_na_base_pair_step.j_auth_asym_id_1 
_ndb_struct_na_base_pair_step.j_auth_seq_id_1 
_ndb_struct_na_base_pair_step.j_PDB_ins_code_1 
_ndb_struct_na_base_pair_step.i_auth_asym_id_2 
_ndb_struct_na_base_pair_step.i_auth_seq_id_2 
_ndb_struct_na_base_pair_step.i_PDB_ins_code_2 
_ndb_struct_na_base_pair_step.j_auth_asym_id_2 
_ndb_struct_na_base_pair_step.j_auth_seq_id_2 
_ndb_struct_na_base_pair_step.j_PDB_ins_code_2 
1 A G 1 1_555 A C 20 1_555 A G 2 1_555 A C 19 1_555 0.444  -1.115 3.217 -1.975 17.386 32.542 -3.896 -0.945 2.318 28.594  3.248  
36.835 1 AA_G1G2:C19C20_AA A 1 ? A 20 ? A 2 ? A 19 ? 
1 A G 2 1_555 A C 19 1_555 A U 3 1_555 A A 18 1_555 -0.441 -0.565 3.369 -1.291 18.701 35.203 -3.003 0.499  2.754 28.560  1.972  
39.742 2 AA_G2U3:A18C19_AA A 2 ? A 19 ? A 3 ? A 18 ? 
1 A U 3 1_555 A A 18 1_555 A C 4 1_555 A G 17 1_555 0.359  -0.725 3.446 1.107  19.411 36.079 -3.196 -0.392 2.736 28.905  -1.649 
40.831 3 AA_U3C4:G17A18_AA A 3 ? A 18 ? A 4 ? A 17 ? 
1 A C 4 1_555 A G 17 1_555 A A 5 1_555 A U 16 1_555 0.735  -1.238 3.641 -0.103 -3.296 27.506 -1.682 -1.564 3.758 -6.899  0.217  
27.699 4 AA_C4A5:U16G17_AA A 4 ? A 17 ? A 5 ? A 16 ? 
1 A A 5 1_555 A U 16 1_555 A G 6 1_555 A C 15 1_555 0.100  -1.767 3.960 -0.195 -8.566 25.041 -0.903 -0.287 4.316 -19.057 0.435  
26.444 5 AA_A5G6:C15U16_AA A 5 ? A 16 ? A 6 ? A 15 ? 
1 A G 6 1_555 A C 15 1_555 A U 7 1_555 A A 14 1_555 -1.308 -1.205 3.906 -3.011 16.540 38.084 -3.711 1.480  3.226 23.973  4.364  
41.503 6 AA_G6U7:A14C15_AA A 6 ? A 15 ? A 7 ? A 14 ? 
1 A U 7 1_555 A A 14 1_555 A G 8 1_555 A A 13 1_555 0.066  0.069  2.946 -1.595 14.255 53.953 -0.675 -0.155 2.875 15.407  1.724  
55.689 7 AA_U7G8:A13A14_AA A 7 ? A 14 ? A 8 ? A 13 ? 
# 
loop_
_pdbx_nmr_spectrometer.spectrometer_id 
_pdbx_nmr_spectrometer.model 
_pdbx_nmr_spectrometer.manufacturer 
_pdbx_nmr_spectrometer.field_strength 
1 OMEGA500  GE     500 
2 UNITY+600 Varian 600 
# 
_atom_sites.entry_id                    2U2A 
_atom_sites.fract_transf_matrix[1][1]   1.000000 
_atom_sites.fract_transf_matrix[1][2]   0.000000 
_atom_sites.fract_transf_matrix[1][3]   0.000000 
_atom_sites.fract_transf_matrix[2][1]   0.000000 
_atom_sites.fract_transf_matrix[2][2]   1.000000 
_atom_sites.fract_transf_matrix[2][3]   0.000000 
_atom_sites.fract_transf_matrix[3][1]   0.000000 
_atom_sites.fract_transf_matrix[3][2]   0.000000 
_atom_sites.fract_transf_matrix[3][3]   1.000000 
_atom_sites.fract_transf_vector[1]      0.00000 
_atom_sites.fract_transf_vector[2]      0.00000 
_atom_sites.fract_transf_vector[3]      0.00000 
# 
loop_
_atom_type.symbol 
C 
H 
N 
O 
P 
# 
loop_
_atom_site.group_PDB 
_atom_site.id 
_atom_site.type_symbol 
_atom_site.label_atom_id 
_atom_site.label_alt_id 
_atom_site.label_comp_id 
_atom_site.label_asym_id 
_atom_site.label_entity_id 
_atom_site.label_seq_id 
_atom_site.pdbx_PDB_ins_code 
_atom_site.Cartn_x 
_atom_site.Cartn_y 
_atom_site.Cartn_z 
_atom_site.occupancy 
_atom_site.B_iso_or_equiv 
_atom_site.pdbx_formal_charge 
_atom_site.auth_seq_id 
_atom_site.auth_comp_id 
_atom_site.auth_asym_id 
_atom_site.auth_atom_id 
_atom_site.pdbx_PDB_model_num 
ATOM 1   O OP3    . G A 1 1  ? 10.666  -3.278  3.047   1.00 0.00 ? 1  G A OP3    1 
ATOM 2   P P      . G A 1 1  ? 9.730   -4.137  4.007   1.00 0.00 ? 1  G A P      1 
ATOM 3   O OP1    . G A 1 1  ? 10.128  -5.561  3.885   1.00 0.00 ? 1  G A OP1    1 
ATOM 4   O OP2    . G A 1 1  ? 8.320   -3.743  3.756   1.00 0.00 ? 1  G A OP2    1 
ATOM 5   O "O5'"  . G A 1 1  ? 10.148  -3.610  5.452   1.00 0.00 ? 1  G A "O5'"  1 
ATOM 6   C "C5'"  . G A 1 1  ? 10.710  -4.492  6.423   1.00 0.00 ? 1  G A "C5'"  1 
ATOM 7   C "C4'"  . G A 1 1  ? 11.120  -3.717  7.654   1.00 0.00 ? 1  G A "C4'"  1 
ATOM 8   O "O4'"  . G A 1 1  ? 12.386  -3.054  7.383   1.00 0.00 ? 1  G A "O4'"  1 
ATOM 9   C "C3'"  . G A 1 1  ? 10.165  -2.602  8.069   1.00 0.00 ? 1  G A "C3'"  1 
ATOM 10  O "O3'"  . G A 1 1  ? 9.174   -3.075  8.976   1.00 0.00 ? 1  G A "O3'"  1 
ATOM 11  C "C2'"  . G A 1 1  ? 11.098  -1.583  8.711   1.00 0.00 ? 1  G A "C2'"  1 
ATOM 12  O "O2'"  . G A 1 1  ? 11.449  -1.969  10.026  1.00 0.00 ? 1  G A "O2'"  1 
ATOM 13  C "C1'"  . G A 1 1  ? 12.327  -1.708  7.817   1.00 0.00 ? 1  G A "C1'"  1 
ATOM 14  N N9     . G A 1 1  ? 12.293  -0.846  6.638   1.00 0.00 ? 1  G A N9     1 
ATOM 15  C C8     . G A 1 1  ? 11.926  -1.200  5.363   1.00 0.00 ? 1  G A C8     1 
ATOM 16  N N7     . G A 1 1  ? 11.999  -0.215  4.513   1.00 0.00 ? 1  G A N7     1 
ATOM 17  C C5     . G A 1 1  ? 12.440  0.861   5.272   1.00 0.00 ? 1  G A C5     1 
ATOM 18  C C6     . G A 1 1  ? 12.708  2.202   4.898   1.00 0.00 ? 1  G A C6     1 
ATOM 19  O O6     . G A 1 1  ? 12.606  2.727   3.783   1.00 0.00 ? 1  G A O6     1 
ATOM 20  N N1     . G A 1 1  ? 13.139  2.958   5.982   1.00 0.00 ? 1  G A N1     1 
ATOM 21  C C2     . G A 1 1  ? 13.289  2.489   7.262   1.00 0.00 ? 1  G A C2     1 
ATOM 22  N N2     . G A 1 1  ? 13.716  3.376   8.169   1.00 0.00 ? 1  G A N2     1 
ATOM 23  N N3     . G A 1 1  ? 13.042  1.242   7.626   1.00 0.00 ? 1  G A N3     1 
ATOM 24  C C4     . G A 1 1  ? 12.625  0.487   6.588   1.00 0.00 ? 1  G A C4     1 
ATOM 25  H "H5'"  . G A 1 1  ? 11.586  -4.990  6.006   1.00 0.00 ? 1  G A "H5'"  1 
ATOM 26  H "H5''" . G A 1 1  ? 9.977   -5.245  6.708   1.00 0.00 ? 1  G A "H5''" 1 
ATOM 27  H "H4'"  . G A 1 1  ? 11.164  -4.419  8.487   1.00 0.00 ? 1  G A "H4'"  1 
ATOM 28  H "H3'"  . G A 1 1  ? 9.624   -2.196  7.214   1.00 0.00 ? 1  G A "H3'"  1 
ATOM 29  H "H2'"  . G A 1 1  ? 10.667  -0.583  8.666   1.00 0.00 ? 1  G A "H2'"  1 
ATOM 30  H "HO2'" . G A 1 1  ? 10.787  -2.598  10.312  1.00 0.00 ? 1  G A "HO2'" 1 
ATOM 31  H "H1'"  . G A 1 1  ? 13.253  -1.506  8.359   1.00 0.00 ? 1  G A "H1'"  1 
ATOM 32  H H8     . G A 1 1  ? 11.609  -2.196  5.092   1.00 0.00 ? 1  G A H8     1 
ATOM 33  H H1     . G A 1 1  ? 13.357  3.930   5.812   1.00 0.00 ? 1  G A H1     1 
ATOM 34  H H21    . G A 1 1  ? 13.910  4.332   7.901   1.00 0.00 ? 1  G A H21    1 
ATOM 35  H H22    . G A 1 1  ? 13.847  3.088   9.128   1.00 0.00 ? 1  G A H22    1 
ATOM 36  H "HO5'" . G A 1 1  ? 11.199  -3.907  2.557   1.00 0.00 ? 1  G A "HO5'" 1 
ATOM 37  P P      . G A 1 2  ? 7.773   -2.296  9.105   1.00 0.00 ? 2  G A P      1 
ATOM 38  O OP1    . G A 1 2  ? 6.976   -2.983  10.154  1.00 0.00 ? 2  G A OP1    1 
ATOM 39  O OP2    . G A 1 2  ? 7.201   -2.124  7.746   1.00 0.00 ? 2  G A OP2    1 
ATOM 40  O "O5'"  . G A 1 2  ? 8.180   -0.859  9.661   1.00 0.00 ? 2  G A "O5'"  1 
ATOM 41  C "C5'"  . G A 1 2  ? 8.723   -0.704  10.971  1.00 0.00 ? 2  G A "C5'"  1 
ATOM 42  C "C4'"  . G A 1 2  ? 8.708   0.752   11.370  1.00 0.00 ? 2  G A "C4'"  1 
ATOM 43  O "O4'"  . G A 1 2  ? 9.825   1.430   10.731  1.00 0.00 ? 2  G A "O4'"  1 
ATOM 44  C "C3'"  . G A 1 2  ? 7.472   1.525   10.927  1.00 0.00 ? 2  G A "C3'"  1 
ATOM 45  O "O3'"  . G A 1 2  ? 6.430   1.426   11.893  1.00 0.00 ? 2  G A "O3'"  1 
ATOM 46  C "C2'"  . G A 1 2  ? 8.004   2.946   10.779  1.00 0.00 ? 2  G A "C2'"  1 
ATOM 47  O "O2'"  . G A 1 2  ? 8.135   3.577   12.039  1.00 0.00 ? 2  G A "O2'"  1 
ATOM 48  C "C1'"  . G A 1 2  ? 9.399   2.680   10.219  1.00 0.00 ? 2  G A "C1'"  1 
ATOM 49  N N9     . G A 1 2  ? 9.451   2.618   8.761   1.00 0.00 ? 2  G A N9     1 
ATOM 50  C C8     . G A 1 2  ? 9.317   1.499   7.974   1.00 0.00 ? 2  G A C8     1 
ATOM 51  N N7     . G A 1 2  ? 9.433   1.748   6.699   1.00 0.00 ? 2  G A N7     1 
ATOM 52  C C5     . G A 1 2  ? 9.648   3.117   6.637   1.00 0.00 ? 2  G A C5     1 
ATOM 53  C C6     . G A 1 2  ? 9.843   3.967   5.517   1.00 0.00 ? 2  G A C6     1 
ATOM 54  O O6     . G A 1 2  ? 9.868   3.672   4.317   1.00 0.00 ? 2  G A O6     1 
ATOM 55  N N1     . G A 1 2  ? 10.022  5.290   5.906   1.00 0.00 ? 2  G A N1     1 
ATOM 56  C C2     . G A 1 2  ? 10.014  5.740   7.201   1.00 0.00 ? 2  G A C2     1 
ATOM 57  N N2     . G A 1 2  ? 10.208  7.051   7.369   1.00 0.00 ? 2  G A N2     1 
ATOM 58  N N3     . G A 1 2  ? 9.830   4.961   8.253   1.00 0.00 ? 2  G A N3     1 
ATOM 59  C C4     . G A 1 2  ? 9.657   3.671   7.901   1.00 0.00 ? 2  G A C4     1 
ATOM 60  H "H5'"  . G A 1 2  ? 9.750   -1.070  10.990  1.00 0.00 ? 2  G A "H5'"  1 
ATOM 61  H "H5''" . G A 1 2  ? 8.132   -1.273  11.687  1.00 0.00 ? 2  G A "H5''" 1 
ATOM 62  H "H4'"  . G A 1 2  ? 8.734   0.797   12.460  1.00 0.00 ? 2  G A "H4'"  1 
ATOM 63  H "H3'"  . G A 1 2  ? 7.064   1.131   9.997   1.00 0.00 ? 2  G A "H3'"  1 
ATOM 64  H "H2'"  . G A 1 2  ? 7.391   3.517   10.082  1.00 0.00 ? 2  G A "H2'"  1 
ATOM 65  H "HO2'" . G A 1 2  ? 7.758   2.978   12.683  1.00 0.00 ? 2  G A "HO2'" 1 
ATOM 66  H "H1'"  . G A 1 2  ? 10.123  3.424   10.551  1.00 0.00 ? 2  G A "H1'"  1 
ATOM 67  H H8     . G A 1 2  ? 9.126   0.513   8.372   1.00 0.00 ? 2  G A H8     1 
ATOM 68  H H1     . G A 1 2  ? 10.170  5.970   5.174   1.00 0.00 ? 2  G A H1     1 
ATOM 69  H H21    . G A 1 2  ? 10.346  7.645   6.560   1.00 0.00 ? 2  G A H21    1 
ATOM 70  H H22    . G A 1 2  ? 10.214  7.446   8.298   1.00 0.00 ? 2  G A H22    1 
ATOM 71  P P      . U A 1 3  ? 4.894   1.426   11.413  1.00 0.00 ? 3  U A P      1 
ATOM 72  O OP1    . U A 1 3  ? 4.062   1.076   12.591  1.00 0.00 ? 3  U A OP1    1 
ATOM 73  O OP2    . U A 1 3  ? 4.787   0.617   10.172  1.00 0.00 ? 3  U A OP2    1 
ATOM 74  O "O5'"  . U A 1 3  ? 4.613   2.949   11.040  1.00 0.00 ? 3  U A "O5'"  1 
ATOM 75  C "C5'"  . U A 1 3  ? 4.855   3.991   11.983  1.00 0.00 ? 3  U A "C5'"  1 
ATOM 76  C "C4'"  . U A 1 3  ? 4.584   5.336   11.352  1.00 0.00 ? 3  U A "C4'"  1 
ATOM 77  O "O4'"  . U A 1 3  ? 5.719   5.705   10.523  1.00 0.00 ? 3  U A "O4'"  1 
ATOM 78  C "C3'"  . U A 1 3  ? 3.384   5.380   10.418  1.00 0.00 ? 3  U A "C3'"  1 
ATOM 79  O "O3'"  . U A 1 3  ? 2.184   5.648   11.138  1.00 0.00 ? 3  U A "O3'"  1 
ATOM 80  C "C2'"  . U A 1 3  ? 3.753   6.499   9.452   1.00 0.00 ? 3  U A "C2'"  1 
ATOM 81  O "O2'"  . U A 1 3  ? 3.521   7.769   10.032  1.00 0.00 ? 3  U A "O2'"  1 
ATOM 82  C "C1'"  . U A 1 3  ? 5.261   6.292   9.317   1.00 0.00 ? 3  U A "C1'"  1 
ATOM 83  N N1     . U A 1 3  ? 5.650   5.415   8.203   1.00 0.00 ? 3  U A N1     1 
ATOM 84  C C2     . U A 1 3  ? 5.889   6.004   6.975   1.00 0.00 ? 3  U A C2     1 
ATOM 85  O O2     . U A 1 3  ? 5.771   7.200   6.781   1.00 0.00 ? 3  U A O2     1 
ATOM 86  N N3     . U A 1 3  ? 6.269   5.140   5.980   1.00 0.00 ? 3  U A N3     1 
ATOM 87  C C4     . U A 1 3  ? 6.430   3.777   6.082   1.00 0.00 ? 3  U A C4     1 
ATOM 88  O O4     . U A 1 3  ? 6.787   3.134   5.094   1.00 0.00 ? 3  U A O4     1 
ATOM 89  C C5     . U A 1 3  ? 6.156   3.242   7.379   1.00 0.00 ? 3  U A C5     1 
ATOM 90  C C6     . U A 1 3  ? 5.782   4.055   8.373   1.00 0.00 ? 3  U A C6     1 
ATOM 91  H "H5'"  . U A 1 3  ? 5.894   3.953   12.315  1.00 0.00 ? 3  U A "H5'"  1 
ATOM 92  H "H5''" . U A 1 3  ? 4.203   3.868   12.846  1.00 0.00 ? 3  U A "H5''" 1 
ATOM 93  H "H4'"  . U A 1 3  ? 4.383   6.044   12.158  1.00 0.00 ? 3  U A "H4'"  1 
ATOM 94  H "H3'"  . U A 1 3  ? 3.231   4.426   9.915   1.00 0.00 ? 3  U A "H3'"  1 
ATOM 95  H "H2'"  . U A 1 3  ? 3.241   6.371   8.498   1.00 0.00 ? 3  U A "H2'"  1 
ATOM 96  H "HO2'" . U A 1 3  ? 3.012   7.617   10.828  1.00 0.00 ? 3  U A "HO2'" 1 
ATOM 97  H "H1'"  . U A 1 3  ? 5.794   7.237   9.204   1.00 0.00 ? 3  U A "H1'"  1 
ATOM 98  H H3     . U A 1 3  ? 6.451   5.551   5.075   1.00 0.00 ? 3  U A H3     1 
ATOM 99  H H5     . U A 1 3  ? 6.253   2.171   7.558   1.00 0.00 ? 3  U A H5     1 
ATOM 100 H H6     . U A 1 3  ? 5.571   3.625   9.352   1.00 0.00 ? 3  U A H6     1 
ATOM 101 P P      . C A 1 4  ? 0.813   4.934   10.697  1.00 0.00 ? 4  C A P      1 
ATOM 102 O OP1    . C A 1 4  ? -0.188  5.156   11.773  1.00 0.00 ? 4  C A OP1    1 
ATOM 103 O OP2    . C A 1 4  ? 1.135   3.549   10.271  1.00 0.00 ? 4  C A OP2    1 
ATOM 104 O "O5'"  . C A 1 4  ? 0.353   5.755   9.413   1.00 0.00 ? 4  C A "O5'"  1 
ATOM 105 C "C5'"  . C A 1 4  ? 0.230   7.174   9.457   1.00 0.00 ? 4  C A "C5'"  1 
ATOM 106 C "C4'"  . C A 1 4  ? 0.117   7.730   8.058   1.00 0.00 ? 4  C A "C4'"  1 
ATOM 107 O "O4'"  . C A 1 4  ? 1.418   7.663   7.415   1.00 0.00 ? 4  C A "O4'"  1 
ATOM 108 C "C3'"  . C A 1 4  ? -0.802  6.962   7.121   1.00 0.00 ? 4  C A "C3'"  1 
ATOM 109 O "O3'"  . C A 1 4  ? -2.161  7.353   7.285   1.00 0.00 ? 4  C A "O3'"  1 
ATOM 110 C "C2'"  . C A 1 4  ? -0.245  7.324   5.750   1.00 0.00 ? 4  C A "C2'"  1 
ATOM 111 O "O2'"  . C A 1 4  ? -0.661  8.616   5.345   1.00 0.00 ? 4  C A "O2'"  1 
ATOM 112 C "C1'"  . C A 1 4  ? 1.255   7.368   6.039   1.00 0.00 ? 4  C A "C1'"  1 
ATOM 113 N N1     . C A 1 4  ? 1.953   6.104   5.747   1.00 0.00 ? 4  C A N1     1 
ATOM 114 C C2     . C A 1 4  ? 2.438   5.888   4.456   1.00 0.00 ? 4  C A C2     1 
ATOM 115 O O2     . C A 1 4  ? 2.251   6.755   3.591   1.00 0.00 ? 4  C A O2     1 
ATOM 116 N N3     . C A 1 4  ? 3.098   4.741   4.179   1.00 0.00 ? 4  C A N3     1 
ATOM 117 C C4     . C A 1 4  ? 3.280   3.830   5.136   1.00 0.00 ? 4  C A C4     1 
ATOM 118 N N4     . C A 1 4  ? 3.944   2.717   4.818   1.00 0.00 ? 4  C A N4     1 
ATOM 119 C C5     . C A 1 4  ? 2.791   4.019   6.461   1.00 0.00 ? 4  C A C5     1 
ATOM 120 C C6     . C A 1 4  ? 2.135   5.159   6.719   1.00 0.00 ? 4  C A C6     1 
ATOM 121 H "H5'"  . C A 1 4  ? 1.104   7.605   9.946   1.00 0.00 ? 4  C A "H5'"  1 
ATOM 122 H "H5''" . C A 1 4  ? -0.662  7.450   10.020  1.00 0.00 ? 4  C A "H5''" 1 
ATOM 123 H "H4'"  . C A 1 4  ? -0.281  8.743   8.134   1.00 0.00 ? 4  C A "H4'"  1 
ATOM 124 H "H3'"  . C A 1 4  ? -0.769  5.891   7.316   1.00 0.00 ? 4  C A "H3'"  1 
ATOM 125 H "H2'"  . C A 1 4  ? -0.491  6.554   5.019   1.00 0.00 ? 4  C A "H2'"  1 
ATOM 126 H "HO2'" . C A 1 4  ? -1.010  8.527   4.457   1.00 0.00 ? 4  C A "HO2'" 1 
ATOM 127 H "H1'"  . C A 1 4  ? 1.756   8.162   5.483   1.00 0.00 ? 4  C A "H1'"  1 
ATOM 128 H H41    . C A 1 4  ? 4.291   2.593   3.876   1.00 0.00 ? 4  C A H41    1 
ATOM 129 H H42    . C A 1 4  ? 4.103   2.003   5.514   1.00 0.00 ? 4  C A H42    1 
ATOM 130 H H5     . C A 1 4  ? 2.941   3.266   7.234   1.00 0.00 ? 4  C A H5     1 
ATOM 131 H H6     . C A 1 4  ? 1.738   5.332   7.719   1.00 0.00 ? 4  C A H6     1 
ATOM 132 P P      . A A 1 5  ? -3.336  6.414   6.717   1.00 0.00 ? 5  A A P      1 
ATOM 133 O OP1    . A A 1 5  ? -4.639  7.019   7.095   1.00 0.00 ? 5  A A OP1    1 
ATOM 134 O OP2    . A A 1 5  ? -3.030  5.018   7.123   1.00 0.00 ? 5  A A OP2    1 
ATOM 135 O "O5'"  . A A 1 5  ? -3.177  6.510   5.135   1.00 0.00 ? 5  A A "O5'"  1 
ATOM 136 C "C5'"  . A A 1 5  ? -3.375  7.746   4.450   1.00 0.00 ? 5  A A "C5'"  1 
ATOM 137 C "C4'"  . A A 1 5  ? -2.799  7.670   3.053   1.00 0.00 ? 5  A A "C4'"  1 
ATOM 138 O "O4'"  . A A 1 5  ? -1.439  7.173   3.122   1.00 0.00 ? 5  A A "O4'"  1 
ATOM 139 C "C3'"  . A A 1 5  ? -3.494  6.701   2.109   1.00 0.00 ? 5  A A "C3'"  1 
ATOM 140 O "O3'"  . A A 1 5  ? -4.652  7.290   1.525   1.00 0.00 ? 5  A A "O3'"  1 
ATOM 141 C "C2'"  . A A 1 5  ? -2.404  6.400   1.082   1.00 0.00 ? 5  A A "C2'"  1 
ATOM 142 O "O2'"  . A A 1 5  ? -2.305  7.425   0.112   1.00 0.00 ? 5  A A "O2'"  1 
ATOM 143 C "C1'"  . A A 1 5  ? -1.144  6.438   1.948   1.00 0.00 ? 5  A A "C1'"  1 
ATOM 144 N N9     . A A 1 5  ? -0.664  5.113   2.341   1.00 0.00 ? 5  A A N9     1 
ATOM 145 C C8     . A A 1 5  ? -0.788  4.494   3.561   1.00 0.00 ? 5  A A C8     1 
ATOM 146 N N7     . A A 1 5  ? -0.232  3.307   3.610   1.00 0.00 ? 5  A A N7     1 
ATOM 147 C C5     . A A 1 5  ? 0.282   3.128   2.334   1.00 0.00 ? 5  A A C5     1 
ATOM 148 C C6     . A A 1 5  ? 0.988   2.067   1.738   1.00 0.00 ? 5  A A C6     1 
ATOM 149 N N6     . A A 1 5  ? 1.325   0.945   2.377   1.00 0.00 ? 5  A A N6     1 
ATOM 150 N N1     . A A 1 5  ? 1.348   2.204   0.442   1.00 0.00 ? 5  A A N1     1 
ATOM 151 C C2     . A A 1 5  ? 1.023   3.334   -0.198  1.00 0.00 ? 5  A A C2     1 
ATOM 152 N N3     . A A 1 5  ? 0.368   4.400   0.255   1.00 0.00 ? 5  A A N3     1 
ATOM 153 C C4     . A A 1 5  ? 0.020   4.231   1.541   1.00 0.00 ? 5  A A C4     1 
ATOM 154 H "H5'"  . A A 1 5  ? -2.884  8.553   4.996   1.00 0.00 ? 5  A A "H5'"  1 
ATOM 155 H "H5''" . A A 1 5  ? -4.440  7.962   4.382   1.00 0.00 ? 5  A A "H5''" 1 
ATOM 156 H "H4'"  . A A 1 5  ? -2.880  8.661   2.607   1.00 0.00 ? 5  A A "H4'"  1 
ATOM 157 H "H3'"  . A A 1 5  ? -3.836  5.807   2.630   1.00 0.00 ? 5  A A "H3'"  1 
ATOM 158 H "H2'"  . A A 1 5  ? -2.558  5.415   0.639   1.00 0.00 ? 5  A A "H2'"  1 
ATOM 159 H "HO2'" . A A 1 5  ? -2.419  7.010   -0.744  1.00 0.00 ? 5  A A "HO2'" 1 
ATOM 160 H "H1'"  . A A 1 5  ? -0.324  6.954   1.449   1.00 0.00 ? 5  A A "H1'"  1 
ATOM 161 H H8     . A A 1 5  ? -1.304  4.939   4.398   1.00 0.00 ? 5  A A H8     1 
ATOM 162 H H61    . A A 1 5  ? 1.836   0.219   1.892   1.00 0.00 ? 5  A A H61    1 
ATOM 163 H H62    . A A 1 5  ? 1.068   0.826   3.347   1.00 0.00 ? 5  A A H62    1 
ATOM 164 H H2     . A A 1 5  ? 1.340   3.389   -1.240  1.00 0.00 ? 5  A A H2     1 
ATOM 165 P P      . G A 1 6  ? -5.713  6.366   0.746   1.00 0.00 ? 6  G A P      1 
ATOM 166 O OP1    . G A 1 6  ? -6.849  7.225   0.327   1.00 0.00 ? 6  G A OP1    1 
ATOM 167 O OP2    . G A 1 6  ? -5.970  5.168   1.587   1.00 0.00 ? 6  G A OP2    1 
ATOM 168 O "O5'"  . G A 1 6  ? -4.933  5.896   -0.562  1.00 0.00 ? 6  G A "O5'"  1 
ATOM 169 C "C5'"  . G A 1 6  ? -4.595  6.826   -1.588  1.00 0.00 ? 6  G A "C5'"  1 
ATOM 170 C "C4'"  . G A 1 6  ? -3.756  6.152   -2.648  1.00 0.00 ? 6  G A "C4'"  1 
ATOM 171 O "O4'"  . G A 1 6  ? -2.648  5.463   -2.018  1.00 0.00 ? 6  G A "O4'"  1 
ATOM 172 C "C3'"  . G A 1 6  ? -4.458  5.060   -3.441  1.00 0.00 ? 6  G A "C3'"  1 
ATOM 173 O "O3'"  . G A 1 6  ? -5.231  5.607   -4.505  1.00 0.00 ? 6  G A "O3'"  1 
ATOM 174 C "C2'"  . G A 1 6  ? -3.295  4.212   -3.946  1.00 0.00 ? 6  G A "C2'"  1 
ATOM 175 O "O2'"  . G A 1 6  ? -2.706  4.784   -5.096  1.00 0.00 ? 6  G A "O2'"  1 
ATOM 176 C "C1'"  . G A 1 6  ? -2.303  4.323   -2.786  1.00 0.00 ? 6  G A "C1'"  1 
ATOM 177 N N9     . G A 1 6  ? -2.307  3.155   -1.911  1.00 0.00 ? 6  G A N9     1 
ATOM 178 C C8     . G A 1 6  ? -2.875  3.048   -0.665  1.00 0.00 ? 6  G A C8     1 
ATOM 179 N N7     . G A 1 6  ? -2.700  1.876   -0.118  1.00 0.00 ? 6  G A N7     1 
ATOM 180 C C5     . G A 1 6  ? -1.979  1.162   -1.066  1.00 0.00 ? 6  G A C5     1 
ATOM 181 C C6     . G A 1 6  ? -1.497  -0.174  -1.042  1.00 0.00 ? 6  G A C6     1 
ATOM 182 O O6     . G A 1 6  ? -1.608  -1.021  -0.148  1.00 0.00 ? 6  G A O6     1 
ATOM 183 N N1     . G A 1 6  ? -0.818  -0.492  -2.214  1.00 0.00 ? 6  G A N1     1 
ATOM 184 C C2     . G A 1 6  ? -0.627  0.362   -3.272  1.00 0.00 ? 6  G A C2     1 
ATOM 185 N N2     . G A 1 6  ? 0.049   -0.129  -4.315  1.00 0.00 ? 6  G A N2     1 
ATOM 186 N N3     . G A 1 6  ? -1.068  1.605   -3.306  1.00 0.00 ? 6  G A N3     1 
ATOM 187 C C4     . G A 1 6  ? -1.731  1.937   -2.178  1.00 0.00 ? 6  G A C4     1 
ATOM 188 H "H5'"  . G A 1 6  ? -4.033  7.658   -1.161  1.00 0.00 ? 6  G A "H5'"  1 
ATOM 189 H "H5''" . G A 1 6  ? -5.503  7.214   -2.049  1.00 0.00 ? 6  G A "H5''" 1 
ATOM 190 H "H4'"  . G A 1 6  ? -3.447  6.915   -3.363  1.00 0.00 ? 6  G A "H4'"  1 
ATOM 191 H "H3'"  . G A 1 6  ? -5.152  4.495   -2.820  1.00 0.00 ? 6  G A "H3'"  1 
ATOM 192 H "H2'"  . G A 1 6  ? -3.613  3.180   -4.104  1.00 0.00 ? 6  G A "H2'"  1 
ATOM 193 H "HO2'" . G A 1 6  ? -3.331  5.424   -5.437  1.00 0.00 ? 6  G A "HO2'" 1 
ATOM 194 H "H1'"  . G A 1 6  ? -1.282  4.475   -3.136  1.00 0.00 ? 6  G A "H1'"  1 
ATOM 195 H H8     . G A 1 6  ? -3.421  3.850   -0.192  1.00 0.00 ? 6  G A H8     1 
ATOM 196 H H1     . G A 1 6  ? -0.439  -1.425  -2.287  1.00 0.00 ? 6  G A H1     1 
ATOM 197 H H21    . G A 1 6  ? 0.388   -1.083  -4.291  1.00 0.00 ? 6  G A H21    1 
ATOM 198 H H22    . G A 1 6  ? 0.219   0.453   -5.122  1.00 0.00 ? 6  G A H22    1 
ATOM 199 P P      . U A 1 7  ? -6.249  4.665   -5.319  1.00 0.00 ? 7  U A P      1 
ATOM 200 O OP1    . U A 1 7  ? -6.881  5.481   -6.386  1.00 0.00 ? 7  U A OP1    1 
ATOM 201 O OP2    . U A 1 7  ? -7.103  3.967   -4.325  1.00 0.00 ? 7  U A OP2    1 
ATOM 202 O "O5'"  . U A 1 7  ? -5.306  3.578   -6.006  1.00 0.00 ? 7  U A "O5'"  1 
ATOM 203 C "C5'"  . U A 1 7  ? -4.579  3.878   -7.197  1.00 0.00 ? 7  U A "C5'"  1 
ATOM 204 C "C4'"  . U A 1 7  ? -4.491  2.652   -8.075  1.00 0.00 ? 7  U A "C4'"  1 
ATOM 205 O "O4'"  . U A 1 7  ? -3.494  1.752   -7.516  1.00 0.00 ? 7  U A "O4'"  1 
ATOM 206 C "C3'"  . U A 1 7  ? -5.767  1.825   -8.167  1.00 0.00 ? 7  U A "C3'"  1 
ATOM 207 O "O3'"  . U A 1 7  ? -6.602  2.276   -9.230  1.00 0.00 ? 7  U A "O3'"  1 
ATOM 208 C "C2'"  . U A 1 7  ? -5.243  0.415   -8.405  1.00 0.00 ? 7  U A "C2'"  1 
ATOM 209 O "O2'"  . U A 1 7  ? -4.884  0.226   -9.761  1.00 0.00 ? 7  U A "O2'"  1 
ATOM 210 C "C1'"  . U A 1 7  ? -3.972  0.421   -7.556  1.00 0.00 ? 7  U A "C1'"  1 
ATOM 211 N N1     . U A 1 7  ? -4.175  -0.041  -6.175  1.00 0.00 ? 7  U A N1     1 
ATOM 212 C C2     . U A 1 7  ? -3.985  -1.385  -5.910  1.00 0.00 ? 7  U A C2     1 
ATOM 213 O O2     . U A 1 7  ? -3.665  -2.191  -6.767  1.00 0.00 ? 7  U A O2     1 
ATOM 214 N N3     . U A 1 7  ? -4.184  -1.752  -4.604  1.00 0.00 ? 7  U A N3     1 
ATOM 215 C C4     . U A 1 7  ? -4.546  -0.935  -3.557  1.00 0.00 ? 7  U A C4     1 
ATOM 216 O O4     . U A 1 7  ? -4.681  -1.417  -2.431  1.00 0.00 ? 7  U A O4     1 
ATOM 217 C C5     . U A 1 7  ? -4.727  0.438   -3.911  1.00 0.00 ? 7  U A C5     1 
ATOM 218 C C6     . U A 1 7  ? -4.541  0.834   -5.175  1.00 0.00 ? 7  U A C6     1 
ATOM 219 H "H5'"  . U A 1 7  ? -3.573  4.209   -6.942  1.00 0.00 ? 7  U A "H5'"  1 
ATOM 220 H "H5''" . U A 1 7  ? -5.084  4.671   -7.749  1.00 0.00 ? 7  U A "H5''" 1 
ATOM 221 H "H4'"  . U A 1 7  ? -4.258  2.986   -9.087  1.00 0.00 ? 7  U A "H4'"  1 
ATOM 222 H "H3'"  . U A 1 7  ? -6.364  1.902   -7.258  1.00 0.00 ? 7  U A "H3'"  1 
ATOM 223 H "H2'"  . U A 1 7  ? -5.960  -0.329  -8.050  1.00 0.00 ? 7  U A "H2'"  1 
ATOM 224 H "HO2'" . U A 1 7  ? -5.296  0.935   -10.255 1.00 0.00 ? 7  U A "HO2'" 1 
ATOM 225 H "H1'"  . U A 1 7  ? -3.181  -0.186  -8.001  1.00 0.00 ? 7  U A "H1'"  1 
ATOM 226 H H3     . U A 1 7  ? -4.043  -2.728  -4.383  1.00 0.00 ? 7  U A H3     1 
ATOM 227 H H5     . U A 1 7  ? -5.014  1.164   -3.150  1.00 0.00 ? 7  U A H5     1 
ATOM 228 H H6     . U A 1 7  ? -4.685  1.885   -5.424  1.00 0.00 ? 7  U A H6     1 
ATOM 229 P P      . G A 1 8  ? -8.197  2.347   -9.020  1.00 0.00 ? 8  G A P      1 
ATOM 230 O OP1    . G A 1 8  ? -8.799  2.935   -10.244 1.00 0.00 ? 8  G A OP1    1 
ATOM 231 O OP2    . G A 1 8  ? -8.447  2.982   -7.702  1.00 0.00 ? 8  G A OP2    1 
ATOM 232 O "O5'"  . G A 1 8  ? -8.643  0.820   -8.926  1.00 0.00 ? 8  G A "O5'"  1 
ATOM 233 C "C5'"  . G A 1 8  ? -8.309  -0.111  -9.954  1.00 0.00 ? 8  G A "C5'"  1 
ATOM 234 C "C4'"  . G A 1 8  ? -8.295  -1.516  -9.401  1.00 0.00 ? 8  G A "C4'"  1 
ATOM 235 O "O4'"  . G A 1 8  ? -7.287  -1.597  -8.359  1.00 0.00 ? 8  G A "O4'"  1 
ATOM 236 C "C3'"  . G A 1 8  ? -9.589  -1.969  -8.737  1.00 0.00 ? 8  G A "C3'"  1 
ATOM 237 O "O3'"  . G A 1 8  ? -10.486 -2.546  -9.684  1.00 0.00 ? 8  G A "O3'"  1 
ATOM 238 C "C2'"  . G A 1 8  ? -9.105  -2.988  -7.710  1.00 0.00 ? 8  G A "C2'"  1 
ATOM 239 O "O2'"  . G A 1 8  ? -8.861  -4.245  -8.311  1.00 0.00 ? 8  G A "O2'"  1 
ATOM 240 C "C1'"  . G A 1 8  ? -7.767  -2.384  -7.284  1.00 0.00 ? 8  G A "C1'"  1 
ATOM 241 N N9     . G A 1 8  ? -7.858  -1.536  -6.099  1.00 0.00 ? 8  G A N9     1 
ATOM 242 C C8     . G A 1 8  ? -8.009  -0.172  -6.064  1.00 0.00 ? 8  G A C8     1 
ATOM 243 N N7     . G A 1 8  ? -8.059  0.310   -4.854  1.00 0.00 ? 8  G A N7     1 
ATOM 244 C C5     . G A 1 8  ? -7.932  -0.805  -4.035  1.00 0.00 ? 8  G A C5     1 
ATOM 245 C C6     . G A 1 8  ? -7.916  -0.911  -2.621  1.00 0.00 ? 8  G A C6     1 
ATOM 246 O O6     . G A 1 8  ? -8.016  -0.012  -1.778  1.00 0.00 ? 8  G A O6     1 
ATOM 247 N N1     . G A 1 8  ? -7.764  -2.231  -2.209  1.00 0.00 ? 8  G A N1     1 
ATOM 248 C C2     . G A 1 8  ? -7.645  -3.310  -3.047  1.00 0.00 ? 8  G A C2     1 
ATOM 249 N N2     . G A 1 8  ? -7.502  -4.503  -2.460  1.00 0.00 ? 8  G A N2     1 
ATOM 250 N N3     . G A 1 8  ? -7.662  -3.226  -4.366  1.00 0.00 ? 8  G A N3     1 
ATOM 251 C C4     . G A 1 8  ? -7.806  -1.953  -4.790  1.00 0.00 ? 8  G A C4     1 
ATOM 252 H "H5'"  . G A 1 8  ? -7.324  0.125   -10.359 1.00 0.00 ? 8  G A "H5'"  1 
ATOM 253 H "H5''" . G A 1 8  ? -9.043  -0.053  -10.757 1.00 0.00 ? 8  G A "H5''" 1 
ATOM 254 H "H4'"  . G A 1 8  ? -8.115  -2.197  -10.235 1.00 0.00 ? 8  G A "H4'"  1 
ATOM 255 H "H3'"  . G A 1 8  ? -10.122 -1.136  -8.281  1.00 0.00 ? 8  G A "H3'"  1 
ATOM 256 H "H2'"  . G A 1 8  ? -9.803  -3.051  -6.872  1.00 0.00 ? 8  G A "H2'"  1 
ATOM 257 H "HO2'" . G A 1 8  ? -9.527  -4.353  -8.993  1.00 0.00 ? 8  G A "HO2'" 1 
ATOM 258 H "H1'"  . G A 1 8  ? -7.014  -3.150  -7.091  1.00 0.00 ? 8  G A "H1'"  1 
ATOM 259 H H8     . G A 1 8  ? -8.078  0.440   -6.950  1.00 0.00 ? 8  G A H8     1 
ATOM 260 H H1     . G A 1 8  ? -7.740  -2.403  -1.214  1.00 0.00 ? 8  G A H1     1 
ATOM 261 H H21    . G A 1 8  ? -7.482  -4.583  -1.454  1.00 0.00 ? 8  G A H21    1 
ATOM 262 H H22    . G A 1 8  ? -7.409  -5.331  -3.029  1.00 0.00 ? 8  G A H22    1 
ATOM 263 P P      . U A 1 9  ? -11.946 -1.904  -9.901  1.00 0.00 ? 9  U A P      1 
ATOM 264 O OP1    . U A 1 9  ? -12.657 -2.710  -10.927 1.00 0.00 ? 9  U A OP1    1 
ATOM 265 O OP2    . U A 1 9  ? -11.759 -0.446  -10.117 1.00 0.00 ? 9  U A OP2    1 
ATOM 266 O "O5'"  . U A 1 9  ? -12.672 -2.103  -8.496  1.00 0.00 ? 9  U A "O5'"  1 
ATOM 267 C "C5'"  . U A 1 9  ? -13.721 -3.058  -8.335  1.00 0.00 ? 9  U A "C5'"  1 
ATOM 268 C "C4'"  . U A 1 9  ? -13.149 -4.456  -8.248  1.00 0.00 ? 9  U A "C4'"  1 
ATOM 269 O "O4'"  . U A 1 9  ? -11.793 -4.369  -7.728  1.00 0.00 ? 9  U A "O4'"  1 
ATOM 270 C "C3'"  . U A 1 9  ? -13.888 -5.400  -7.307  1.00 0.00 ? 9  U A "C3'"  1 
ATOM 271 O "O3'"  . U A 1 9  ? -14.887 -6.148  -7.994  1.00 0.00 ? 9  U A "O3'"  1 
ATOM 272 C "C2'"  . U A 1 9  ? -12.777 -6.300  -6.781  1.00 0.00 ? 9  U A "C2'"  1 
ATOM 273 O "O2'"  . U A 1 9  ? -12.450 -7.309  -7.718  1.00 0.00 ? 9  U A "O2'"  1 
ATOM 274 C "C1'"  . U A 1 9  ? -11.611 -5.317  -6.696  1.00 0.00 ? 9  U A "C1'"  1 
ATOM 275 N N1     . U A 1 9  ? -11.521 -4.600  -5.414  1.00 0.00 ? 9  U A N1     1 
ATOM 276 C C2     . U A 1 9  ? -11.123 -5.320  -4.302  1.00 0.00 ? 9  U A C2     1 
ATOM 277 O O2     . U A 1 9  ? -10.861 -6.508  -4.343  1.00 0.00 ? 9  U A O2     1 
ATOM 278 N N3     . U A 1 9  ? -11.046 -4.595  -3.140  1.00 0.00 ? 9  U A N3     1 
ATOM 279 C C4     . U A 1 9  ? -11.319 -3.257  -2.978  1.00 0.00 ? 9  U A C4     1 
ATOM 280 O O4     . U A 1 9  ? -11.182 -2.741  -1.869  1.00 0.00 ? 9  U A O4     1 
ATOM 281 C C5     . U A 1 9  ? -11.729 -2.585  -4.171  1.00 0.00 ? 9  U A C5     1 
ATOM 282 C C6     . U A 1 9  ? -11.817 -3.259  -5.321  1.00 0.00 ? 9  U A C6     1 
ATOM 283 H "H5'"  . U A 1 9  ? -14.405 -3.002  -9.183  1.00 0.00 ? 9  U A "H5'"  1 
ATOM 284 H "H5''" . U A 1 9  ? -14.275 -2.846  -7.421  1.00 0.00 ? 9  U A "H5''" 1 
ATOM 285 H "H4'"  . U A 1 9  ? -13.207 -4.896  -9.244  1.00 0.00 ? 9  U A "H4'"  1 
ATOM 286 H "H3'"  . U A 1 9  ? -14.403 -4.861  -6.512  1.00 0.00 ? 9  U A "H3'"  1 
ATOM 287 H "H2'"  . U A 1 9  ? -13.038 -6.702  -5.801  1.00 0.00 ? 9  U A "H2'"  1 
ATOM 288 H "HO2'" . U A 1 9  ? -13.151 -7.314  -8.370  1.00 0.00 ? 9  U A "HO2'" 1 
ATOM 289 H "H1'"  . U A 1 9  ? -10.653 -5.804  -6.877  1.00 0.00 ? 9  U A "H1'"  1 
ATOM 290 H H3     . U A 1 9  ? -10.760 -5.096  -2.310  1.00 0.00 ? 9  U A H3     1 
ATOM 291 H H5     . U A 1 9  ? -11.970 -1.522  -4.141  1.00 0.00 ? 9  U A H5     1 
ATOM 292 H H6     . U A 1 9  ? -12.133 -2.727  -6.219  1.00 0.00 ? 9  U A H6     1 
ATOM 293 P P      . A A 1 10 ? -16.443 -5.835  -7.732  1.00 0.00 ? 10 A A P      1 
ATOM 294 O OP1    . A A 1 10 ? -17.246 -6.793  -8.535  1.00 0.00 ? 10 A A OP1    1 
ATOM 295 O OP2    . A A 1 10 ? -16.643 -4.375  -7.916  1.00 0.00 ? 10 A A OP2    1 
ATOM 296 O "O5'"  . A A 1 10 ? -16.662 -6.174  -6.191  1.00 0.00 ? 10 A A "O5'"  1 
ATOM 297 C "C5'"  . A A 1 10 ? -17.883 -5.831  -5.533  1.00 0.00 ? 10 A A "C5'"  1 
ATOM 298 C "C4'"  . A A 1 10 ? -18.068 -6.680  -4.297  1.00 0.00 ? 10 A A "C4'"  1 
ATOM 299 O "O4'"  . A A 1 10 ? -18.410 -8.032  -4.709  1.00 0.00 ? 10 A A "O4'"  1 
ATOM 300 C "C3'"  . A A 1 10 ? -16.833 -6.829  -3.418  1.00 0.00 ? 10 A A "C3'"  1 
ATOM 301 O "O3'"  . A A 1 10 ? -16.769 -5.802  -2.429  1.00 0.00 ? 10 A A "O3'"  1 
ATOM 302 C "C2'"  . A A 1 10 ? -17.021 -8.207  -2.795  1.00 0.00 ? 10 A A "C2'"  1 
ATOM 303 O "O2'"  . A A 1 10 ? -17.928 -8.158  -1.710  1.00 0.00 ? 10 A A "O2'"  1 
ATOM 304 C "C1'"  . A A 1 10 ? -17.674 -8.969  -3.947  1.00 0.00 ? 10 A A "C1'"  1 
ATOM 305 N N9     . A A 1 10 ? -16.722 -9.636  -4.834  1.00 0.00 ? 10 A A N9     1 
ATOM 306 C C8     . A A 1 10 ? -16.490 -9.382  -6.164  1.00 0.00 ? 10 A A C8     1 
ATOM 307 N N7     . A A 1 10 ? -15.577 -10.157 -6.698  1.00 0.00 ? 10 A A N7     1 
ATOM 308 C C5     . A A 1 10 ? -15.180 -10.974 -5.648  1.00 0.00 ? 10 A A C5     1 
ATOM 309 C C6     . A A 1 10 ? -14.238 -12.014 -5.564  1.00 0.00 ? 10 A A C6     1 
ATOM 310 N N6     . A A 1 10 ? -13.499 -12.429 -6.593  1.00 0.00 ? 10 A A N6     1 
ATOM 311 N N1     . A A 1 10 ? -14.081 -12.623 -4.369  1.00 0.00 ? 10 A A N1     1 
ATOM 312 C C2     . A A 1 10 ? -14.826 -12.210 -3.336  1.00 0.00 ? 10 A A C2     1 
ATOM 313 N N3     . A A 1 10 ? -15.744 -11.248 -3.293  1.00 0.00 ? 10 A A N3     1 
ATOM 314 C C4     . A A 1 10 ? -15.875 -10.662 -4.494  1.00 0.00 ? 10 A A C4     1 
ATOM 315 H "H5'"  . A A 1 10 ? -18.723 -5.994  -6.209  1.00 0.00 ? 10 A A "H5'"  1 
ATOM 316 H "H5''" . A A 1 10 ? -17.861 -4.782  -5.241  1.00 0.00 ? 10 A A "H5''" 1 
ATOM 317 H "H4'"  . A A 1 10 ? -18.835 -6.204  -3.684  1.00 0.00 ? 10 A A "H4'"  1 
ATOM 318 H "H3'"  . A A 1 10 ? -15.915 -6.753  -3.997  1.00 0.00 ? 10 A A "H3'"  1 
ATOM 319 H "H2'"  . A A 1 10 ? -16.057 -8.641  -2.519  1.00 0.00 ? 10 A A "H2'"  1 
ATOM 320 H "HO2'" . A A 1 10 ? -17.888 -7.265  -1.361  1.00 0.00 ? 10 A A "HO2'" 1 
ATOM 321 H "H1'"  . A A 1 10 ? -18.384 -9.716  -3.591  1.00 0.00 ? 10 A A "H1'"  1 
ATOM 322 H H8     . A A 1 10 ? -17.009 -8.614  -6.717  1.00 0.00 ? 10 A A H8     1 
ATOM 323 H H61    . A A 1 10 ? -12.840 -13.183 -6.463  1.00 0.00 ? 10 A A H61    1 
ATOM 324 H H62    . A A 1 10 ? -13.603 -11.988 -7.496  1.00 0.00 ? 10 A A H62    1 
ATOM 325 H H2     . A A 1 10 ? -14.655 -12.737 -2.396  1.00 0.00 ? 10 A A H2     1 
ATOM 326 P P      . A A 1 11 ? -15.617 -4.680  -2.506  1.00 0.00 ? 11 A A P      1 
ATOM 327 O OP1    . A A 1 11 ? -16.277 -3.350  -2.511  1.00 0.00 ? 11 A A OP1    1 
ATOM 328 O OP2    . A A 1 11 ? -14.677 -5.033  -3.601  1.00 0.00 ? 11 A A OP2    1 
ATOM 329 O "O5'"  . A A 1 11 ? -14.833 -4.832  -1.126  1.00 0.00 ? 11 A A "O5'"  1 
ATOM 330 C "C5'"  . A A 1 11 ? -15.226 -5.799  -0.150  1.00 0.00 ? 11 A A "C5'"  1 
ATOM 331 C "C4'"  . A A 1 11 ? -14.210 -6.917  -0.090  1.00 0.00 ? 11 A A "C4'"  1 
ATOM 332 O "O4'"  . A A 1 11 ? -14.399 -7.823  -1.194  1.00 0.00 ? 11 A A "O4'"  1 
ATOM 333 C "C3'"  . A A 1 11 ? -12.761 -6.503  -0.254  1.00 0.00 ? 11 A A "C3'"  1 
ATOM 334 O "O3'"  . A A 1 11 ? -12.245 -5.952  0.956   1.00 0.00 ? 11 A A "O3'"  1 
ATOM 335 C "C2'"  . A A 1 11 ? -12.088 -7.823  -0.637  1.00 0.00 ? 11 A A "C2'"  1 
ATOM 336 O "O2'"  . A A 1 11 ? -11.722 -8.555  0.516   1.00 0.00 ? 11 A A "O2'"  1 
ATOM 337 C "C1'"  . A A 1 11 ? -13.220 -8.582  -1.341  1.00 0.00 ? 11 A A "C1'"  1 
ATOM 338 N N9     . A A 1 11 ? -12.974 -8.802  -2.765  1.00 0.00 ? 11 A A N9     1 
ATOM 339 C C8     . A A 1 11 ? -13.422 -8.078  -3.839  1.00 0.00 ? 11 A A C8     1 
ATOM 340 N N7     . A A 1 11 ? -13.004 -8.534  -4.994  1.00 0.00 ? 11 A A N7     1 
ATOM 341 C C5     . A A 1 11 ? -12.228 -9.635  -4.657  1.00 0.00 ? 11 A A C5     1 
ATOM 342 C C6     . A A 1 11 ? -11.498 -10.553 -5.430  1.00 0.00 ? 11 A A C6     1 
ATOM 343 N N6     . A A 1 11 ? -11.420 -10.505 -6.760  1.00 0.00 ? 11 A A N6     1 
ATOM 344 N N1     . A A 1 11 ? -10.839 -11.537 -4.779  1.00 0.00 ? 11 A A N1     1 
ATOM 345 C C2     . A A 1 11 ? -10.912 -11.582 -3.442  1.00 0.00 ? 11 A A C2     1 
ATOM 346 N N3     . A A 1 11 ? -11.562 -10.777 -2.609  1.00 0.00 ? 11 A A N3     1 
ATOM 347 C C4     . A A 1 11 ? -12.206 -9.813  -3.287  1.00 0.00 ? 11 A A C4     1 
ATOM 348 H "H5'"  . A A 1 11 ? -16.200 -6.214  -0.412  1.00 0.00 ? 11 A A "H5'"  1 
ATOM 349 H "H5''" . A A 1 11 ? -15.294 -5.328  0.830   1.00 0.00 ? 11 A A "H5''" 1 
ATOM 350 H "H4'"  . A A 1 11 ? -14.285 -7.398  0.885   1.00 0.00 ? 11 A A "H4'"  1 
ATOM 351 H "H3'"  . A A 1 11 ? -12.644 -5.734  -1.017  1.00 0.00 ? 11 A A "H3'"  1 
ATOM 352 H "H2'"  . A A 1 11 ? -11.247 -7.643  -1.307  1.00 0.00 ? 11 A A "H2'"  1 
ATOM 353 H "HO2'" . A A 1 11 ? -11.597 -7.915  1.219   1.00 0.00 ? 11 A A "HO2'" 1 
ATOM 354 H "H1'"  . A A 1 11 ? -13.408 -9.552  -0.879  1.00 0.00 ? 11 A A "H1'"  1 
ATOM 355 H H8     . A A 1 11 ? -14.059 -7.213  -3.742  1.00 0.00 ? 11 A A H8     1 
ATOM 356 H H61    . A A 1 11 ? -10.876 -11.198 -7.253  1.00 0.00 ? 11 A A H61    1 
ATOM 357 H H62    . A A 1 11 ? -11.903 -9.778  -7.268  1.00 0.00 ? 11 A A H62    1 
ATOM 358 H H2     . A A 1 11 ? -10.355 -12.390 -2.969  1.00 0.00 ? 11 A A H2     1 
ATOM 359 P P      . C A 1 12 ? -11.733 -4.425  0.990   1.00 0.00 ? 12 C A P      1 
ATOM 360 O OP1    . C A 1 12 ? -11.354 -4.125  2.394   1.00 0.00 ? 12 C A OP1    1 
ATOM 361 O OP2    . C A 1 12 ? -12.740 -3.575  0.308   1.00 0.00 ? 12 C A OP2    1 
ATOM 362 O "O5'"  . C A 1 12 ? -10.405 -4.435  0.109   1.00 0.00 ? 12 C A "O5'"  1 
ATOM 363 C "C5'"  . C A 1 12 ? -9.159  -4.851  0.663   1.00 0.00 ? 12 C A "C5'"  1 
ATOM 364 C "C4'"  . C A 1 12 ? -9.138  -6.351  0.825   1.00 0.00 ? 12 C A "C4'"  1 
ATOM 365 O "O4'"  . C A 1 12 ? -9.650  -6.971  -0.370  1.00 0.00 ? 12 C A "O4'"  1 
ATOM 366 C "C3'"  . C A 1 12 ? -7.768  -6.990  0.959   1.00 0.00 ? 12 C A "C3'"  1 
ATOM 367 O "O3'"  . C A 1 12 ? -7.273  -6.876  2.290   1.00 0.00 ? 12 C A "O3'"  1 
ATOM 368 C "C2'"  . C A 1 12 ? -8.019  -8.444  0.548   1.00 0.00 ? 12 C A "C2'"  1 
ATOM 369 O "O2'"  . C A 1 12 ? -8.421  -9.224  1.657   1.00 0.00 ? 12 C A "O2'"  1 
ATOM 370 C "C1'"  . C A 1 12 ? -9.216  -8.313  -0.404  1.00 0.00 ? 12 C A "C1'"  1 
ATOM 371 N N1     . C A 1 12 ? -8.904  -8.666  -1.799  1.00 0.00 ? 12 C A N1     1 
ATOM 372 C C2     . C A 1 12 ? -8.702  -10.009 -2.126  1.00 0.00 ? 12 C A C2     1 
ATOM 373 O O2     . C A 1 12 ? -8.782  -10.863 -1.232  1.00 0.00 ? 12 C A O2     1 
ATOM 374 N N3     . C A 1 12 ? -8.427  -10.342 -3.407  1.00 0.00 ? 12 C A N3     1 
ATOM 375 C C4     . C A 1 12 ? -8.350  -9.394  -4.341  1.00 0.00 ? 12 C A C4     1 
ATOM 376 N N4     . C A 1 12 ? -8.088  -9.771  -5.594  1.00 0.00 ? 12 C A N4     1 
ATOM 377 C C5     . C A 1 12 ? -8.541  -8.017  -4.035  1.00 0.00 ? 12 C A C5     1 
ATOM 378 C C6     . C A 1 12 ? -8.813  -7.700  -2.762  1.00 0.00 ? 12 C A C6     1 
ATOM 379 H "H5'"  . C A 1 12 ? -9.014  -4.382  1.638   1.00 0.00 ? 12 C A "H5'"  1 
ATOM 380 H "H5''" . C A 1 12 ? -8.345  -4.554  0.004   1.00 0.00 ? 12 C A "H5''" 1 
ATOM 381 H "H4'"  . C A 1 12 ? -9.701  -6.602  1.724   1.00 0.00 ? 12 C A "H4'"  1 
ATOM 382 H "H3'"  . C A 1 12 ? -7.036  -6.496  0.322   1.00 0.00 ? 12 C A "H3'"  1 
ATOM 383 H "H2'"  . C A 1 12 ? -7.141  -8.856  0.038   1.00 0.00 ? 12 C A "H2'"  1 
ATOM 384 H "HO2'" . C A 1 12 ? -8.146  -10.126 1.479   1.00 0.00 ? 12 C A "HO2'" 1 
ATOM 385 H "H1'"  . C A 1 12 ? -10.068 -8.924  -0.085  1.00 0.00 ? 12 C A "H1'"  1 
ATOM 386 H H41    . C A 1 12 ? -7.954  -10.750 -5.807  1.00 0.00 ? 12 C A H41    1 
ATOM 387 H H42    . C A 1 12 ? -8.026  -9.077  -6.325  1.00 0.00 ? 12 C A H42    1 
ATOM 388 H H5     . C A 1 12 ? -8.471  -7.249  -4.805  1.00 0.00 ? 12 C A H5     1 
ATOM 389 H H6     . C A 1 12 ? -8.960  -6.655  -2.490  1.00 0.00 ? 12 C A H6     1 
ATOM 390 P P      . A A 1 13 ? -5.689  -6.808  2.549   1.00 0.00 ? 13 A A P      1 
ATOM 391 O OP1    . A A 1 13 ? -5.465  -7.048  3.998   1.00 0.00 ? 13 A A OP1    1 
ATOM 392 O OP2    . A A 1 13 ? -5.168  -5.566  1.923   1.00 0.00 ? 13 A A OP2    1 
ATOM 393 O "O5'"  . A A 1 13 ? -5.109  -8.052  1.740   1.00 0.00 ? 13 A A "O5'"  1 
ATOM 394 C "C5'"  . A A 1 13 ? -5.448  -9.391  2.098   1.00 0.00 ? 13 A A "C5'"  1 
ATOM 395 C "C4'"  . A A 1 13 ? -5.040  -10.339 0.995   1.00 0.00 ? 13 A A "C4'"  1 
ATOM 396 O "O4'"  . A A 1 13 ? -5.955  -10.173 -0.123  1.00 0.00 ? 13 A A "O4'"  1 
ATOM 397 C "C3'"  . A A 1 13 ? -3.651  -10.088 0.423   1.00 0.00 ? 13 A A "C3'"  1 
ATOM 398 O "O3'"  . A A 1 13 ? -2.660  -10.832 1.126   1.00 0.00 ? 13 A A "O3'"  1 
ATOM 399 C "C2'"  . A A 1 13 ? -3.791  -10.538 -1.027  1.00 0.00 ? 13 A A "C2'"  1 
ATOM 400 O "O2'"  . A A 1 13 ? -3.688  -11.945 -1.141  1.00 0.00 ? 13 A A "O2'"  1 
ATOM 401 C "C1'"  . A A 1 13 ? -5.226  -10.122 -1.335  1.00 0.00 ? 13 A A "C1'"  1 
ATOM 402 N N9     . A A 1 13 ? -5.335  -8.774  -1.888  1.00 0.00 ? 13 A A N9     1 
ATOM 403 C C8     . A A 1 13 ? -5.414  -7.578  -1.222  1.00 0.00 ? 13 A A C8     1 
ATOM 404 N N7     . A A 1 13 ? -5.524  -6.538  -2.013  1.00 0.00 ? 13 A A N7     1 
ATOM 405 C C5     . A A 1 13 ? -5.508  -7.089  -3.288  1.00 0.00 ? 13 A A C5     1 
ATOM 406 C C6     . A A 1 13 ? -5.588  -6.518  -4.569  1.00 0.00 ? 13 A A C6     1 
ATOM 407 N N6     . A A 1 13 ? -5.712  -5.208  -4.792  1.00 0.00 ? 13 A A N6     1 
ATOM 408 N N1     . A A 1 13 ? -5.539  -7.351  -5.630  1.00 0.00 ? 13 A A N1     1 
ATOM 409 C C2     . A A 1 13 ? -5.419  -8.668  -5.407  1.00 0.00 ? 13 A A C2     1 
ATOM 410 N N3     . A A 1 13 ? -5.337  -9.319  -4.254  1.00 0.00 ? 13 A A N3     1 
ATOM 411 C C4     . A A 1 13 ? -5.387  -8.464  -3.222  1.00 0.00 ? 13 A A C4     1 
ATOM 412 H "H5'"  . A A 1 13 ? -6.525  -9.470  2.259   1.00 0.00 ? 13 A A "H5'"  1 
ATOM 413 H "H5''" . A A 1 13 ? -4.931  -9.671  3.015   1.00 0.00 ? 13 A A "H5''" 1 
ATOM 414 H "H4'"  . A A 1 13 ? -5.034  -11.348 1.412   1.00 0.00 ? 13 A A "H4'"  1 
ATOM 415 H "H3'"  . A A 1 13 ? -3.364  -9.042  0.509   1.00 0.00 ? 13 A A "H3'"  1 
ATOM 416 H "H2'"  . A A 1 13 ? -3.082  -10.010 -1.662  1.00 0.00 ? 13 A A "H2'"  1 
ATOM 417 H "HO2'" . A A 1 13 ? -3.380  -12.269 -0.294  1.00 0.00 ? 13 A A "HO2'" 1 
ATOM 418 H "H1'"  . A A 1 13 ? -5.712  -10.809 -2.032  1.00 0.00 ? 13 A A "H1'"  1 
ATOM 419 H H8     . A A 1 13 ? -5.378  -7.500  -0.145  1.00 0.00 ? 13 A A H8     1 
ATOM 420 H H61    . A A 1 13 ? -5.775  -4.865  -5.740  1.00 0.00 ? 13 A A H61    1 
ATOM 421 H H62    . A A 1 13 ? -5.753  -4.561  -4.018  1.00 0.00 ? 13 A A H62    1 
ATOM 422 H H2     . A A 1 13 ? -5.384  -9.294  -6.296  1.00 0.00 ? 13 A A H2     1 
ATOM 423 P P      . A A 1 14 ? -1.216  -10.179 1.400   1.00 0.00 ? 14 A A P      1 
ATOM 424 O OP1    . A A 1 14 ? -0.411  -11.185 2.138   1.00 0.00 ? 14 A A OP1    1 
ATOM 425 O OP2    . A A 1 14 ? -1.414  -8.827  1.985   1.00 0.00 ? 14 A A OP2    1 
ATOM 426 O "O5'"  . A A 1 14 ? -0.588  -10.009 -0.053  1.00 0.00 ? 14 A A "O5'"  1 
ATOM 427 C "C5'"  . A A 1 14 ? -0.526  -11.109 -0.960  1.00 0.00 ? 14 A A "C5'"  1 
ATOM 428 C "C4'"  . A A 1 14 ? -0.278  -10.612 -2.363  1.00 0.00 ? 14 A A "C4'"  1 
ATOM 429 O "O4'"  . A A 1 14 ? -1.505  -10.018 -2.876  1.00 0.00 ? 14 A A "O4'"  1 
ATOM 430 C "C3'"  . A A 1 14 ? 0.765   -9.510  -2.480  1.00 0.00 ? 14 A A "C3'"  1 
ATOM 431 O "O3'"  . A A 1 14 ? 2.078   -10.040 -2.616  1.00 0.00 ? 14 A A "O3'"  1 
ATOM 432 C "C2'"  . A A 1 14 ? 0.311   -8.754  -3.723  1.00 0.00 ? 14 A A "C2'"  1 
ATOM 433 O "O2'"  . A A 1 14 ? 0.681   -9.442  -4.901  1.00 0.00 ? 14 A A "O2'"  1 
ATOM 434 C "C1'"  . A A 1 14 ? -1.206  -8.820  -3.569  1.00 0.00 ? 14 A A "C1'"  1 
ATOM 435 N N9     . A A 1 14 ? -1.769  -7.699  -2.818  1.00 0.00 ? 14 A A N9     1 
ATOM 436 C C8     . A A 1 14 ? -1.918  -7.587  -1.458  1.00 0.00 ? 14 A A C8     1 
ATOM 437 N N7     . A A 1 14 ? -2.455  -6.453  -1.076  1.00 0.00 ? 14 A A N7     1 
ATOM 438 C C5     . A A 1 14 ? -2.673  -5.773  -2.266  1.00 0.00 ? 14 A A C5     1 
ATOM 439 C C6     . A A 1 14 ? -3.220  -4.508  -2.545  1.00 0.00 ? 14 A A C6     1 
ATOM 440 N N6     . A A 1 14 ? -3.662  -3.670  -1.606  1.00 0.00 ? 14 A A N6     1 
ATOM 441 N N1     . A A 1 14 ? -3.298  -4.129  -3.839  1.00 0.00 ? 14 A A N1     1 
ATOM 442 C C2     . A A 1 14 ? -2.852  -4.971  -4.781  1.00 0.00 ? 14 A A C2     1 
ATOM 443 N N3     . A A 1 14 ? -2.317  -6.182  -4.643  1.00 0.00 ? 14 A A N3     1 
ATOM 444 C C4     . A A 1 14 ? -2.256  -6.528  -3.346  1.00 0.00 ? 14 A A C4     1 
ATOM 445 H "H5'"  . A A 1 14 ? -1.466  -11.661 -0.934  1.00 0.00 ? 14 A A "H5'"  1 
ATOM 446 H "H5''" . A A 1 14 ? 0.286   -11.778 -0.673  1.00 0.00 ? 14 A A "H5''" 1 
ATOM 447 H "H4'"  . A A 1 14 ? 0.081   -11.453 -2.956  1.00 0.00 ? 14 A A "H4'"  1 
ATOM 448 H "H3'"  . A A 1 14 ? 0.782   -8.883  -1.590  1.00 0.00 ? 14 A A "H3'"  1 
ATOM 449 H "H2'"  . A A 1 14 ? 0.673   -7.724  -3.703  1.00 0.00 ? 14 A A "H2'"  1 
ATOM 450 H "HO2'" . A A 1 14 ? 1.382   -10.047 -4.660  1.00 0.00 ? 14 A A "HO2'" 1 
ATOM 451 H "H1'"  . A A 1 14 ? -1.715  -8.873  -4.531  1.00 0.00 ? 14 A A "H1'"  1 
ATOM 452 H H8     . A A 1 14 ? -1.621  -8.362  -0.766  1.00 0.00 ? 14 A A H8     1 
ATOM 453 H H61    . A A 1 14 ? -4.049  -2.774  -1.872  1.00 0.00 ? 14 A A H61    1 
ATOM 454 H H62    . A A 1 14 ? -3.611  -3.934  -0.633  1.00 0.00 ? 14 A A H62    1 
ATOM 455 H H2     . A A 1 14 ? -2.946  -4.615  -5.808  1.00 0.00 ? 14 A A H2     1 
ATOM 456 P P      . C A 1 15 ? 3.315   -9.303  -1.900  1.00 0.00 ? 15 C A P      1 
ATOM 457 O OP1    . C A 1 15 ? 4.509   -10.171 -2.063  1.00 0.00 ? 15 C A OP1    1 
ATOM 458 O OP2    . C A 1 15 ? 2.890   -8.889  -0.538  1.00 0.00 ? 15 C A OP2    1 
ATOM 459 O "O5'"  . C A 1 15 ? 3.540   -7.988  -2.770  1.00 0.00 ? 15 C A "O5'"  1 
ATOM 460 C "C5'"  . C A 1 15 ? 3.576   -8.047  -4.194  1.00 0.00 ? 15 C A "C5'"  1 
ATOM 461 C "C4'"  . C A 1 15 ? 3.394   -6.665  -4.779  1.00 0.00 ? 15 C A "C4'"  1 
ATOM 462 O "O4'"  . C A 1 15 ? 1.997   -6.280  -4.673  1.00 0.00 ? 15 C A "O4'"  1 
ATOM 463 C "C3'"  . C A 1 15 ? 4.135   -5.546  -4.063  1.00 0.00 ? 15 C A "C3'"  1 
ATOM 464 O "O3'"  . C A 1 15 ? 5.493   -5.459  -4.481  1.00 0.00 ? 15 C A "O3'"  1 
ATOM 465 C "C2'"  . C A 1 15 ? 3.323   -4.318  -4.455  1.00 0.00 ? 15 C A "C2'"  1 
ATOM 466 O "O2'"  . C A 1 15 ? 3.622   -3.892  -5.771  1.00 0.00 ? 15 C A "O2'"  1 
ATOM 467 C "C1'"  . C A 1 15 ? 1.905   -4.885  -4.437  1.00 0.00 ? 15 C A "C1'"  1 
ATOM 468 N N1     . C A 1 15 ? 1.210   -4.667  -3.157  1.00 0.00 ? 15 C A N1     1 
ATOM 469 C C2     . C A 1 15 ? 0.595   -3.436  -2.929  1.00 0.00 ? 15 C A C2     1 
ATOM 470 O O2     . C A 1 15 ? 0.649   -2.568  -3.810  1.00 0.00 ? 15 C A O2     1 
ATOM 471 N N3     . C A 1 15 ? -0.043  -3.219  -1.758  1.00 0.00 ? 15 C A N3     1 
ATOM 472 C C4     . C A 1 15 ? -0.090  -4.184  -0.837  1.00 0.00 ? 15 C A C4     1 
ATOM 473 N N4     . C A 1 15 ? -0.739  -3.928  0.299   1.00 0.00 ? 15 C A N4     1 
ATOM 474 C C5     . C A 1 15 ? 0.527   -5.453  -1.043  1.00 0.00 ? 15 C A C5     1 
ATOM 475 C C6     . C A 1 15 ? 1.166   -5.646  -2.204  1.00 0.00 ? 15 C A C6     1 
ATOM 476 H "H5'"  . C A 1 15 ? 2.778   -8.697  -4.556  1.00 0.00 ? 15 C A "H5'"  1 
ATOM 477 H "H5''" . C A 1 15 ? 4.535   -8.445  -4.522  1.00 0.00 ? 15 C A "H5''" 1 
ATOM 478 H "H4'"  . C A 1 15 ? 3.764   -6.687  -5.804  1.00 0.00 ? 15 C A "H4'"  1 
ATOM 479 H "H3'"  . C A 1 15 ? 4.159   -5.705  -2.986  1.00 0.00 ? 15 C A "H3'"  1 
ATOM 480 H "H2'"  . C A 1 15 ? 3.447   -3.525  -3.717  1.00 0.00 ? 15 C A "H2'"  1 
ATOM 481 H "HO2'" . C A 1 15 ? 3.867   -2.966  -5.716  1.00 0.00 ? 15 C A "HO2'" 1 
ATOM 482 H "H1'"  . C A 1 15 ? 1.285   -4.468  -5.231  1.00 0.00 ? 15 C A "H1'"  1 
ATOM 483 H H41    . C A 1 15 ? -1.172  -3.025  0.434   1.00 0.00 ? 15 C A H41    1 
ATOM 484 H H42    . C A 1 15 ? -0.797  -4.634  1.019   1.00 0.00 ? 15 C A H42    1 
ATOM 485 H H5     . C A 1 15 ? 0.479   -6.234  -0.285  1.00 0.00 ? 15 C A H5     1 
ATOM 486 H H6     . C A 1 15 ? 1.666   -6.595  -2.387  1.00 0.00 ? 15 C A H6     1 
ATOM 487 P P      . U A 1 16 ? 6.525   -4.551  -3.648  1.00 0.00 ? 16 U A P      1 
ATOM 488 O OP1    . U A 1 16 ? 7.871   -4.749  -4.247  1.00 0.00 ? 16 U A OP1    1 
ATOM 489 O OP2    . U A 1 16 ? 6.321   -4.815  -2.201  1.00 0.00 ? 16 U A OP2    1 
ATOM 490 O "O5'"  . U A 1 16 ? 6.060   -3.057  -3.952  1.00 0.00 ? 16 U A "O5'"  1 
ATOM 491 C "C5'"  . U A 1 16 ? 6.223   -2.488  -5.251  1.00 0.00 ? 16 U A "C5'"  1 
ATOM 492 C "C4'"  . U A 1 16 ? 5.528   -1.145  -5.328  1.00 0.00 ? 16 U A "C4'"  1 
ATOM 493 O "O4'"  . U A 1 16 ? 4.188   -1.263  -4.783  1.00 0.00 ? 16 U A "O4'"  1 
ATOM 494 C "C3'"  . U A 1 16 ? 6.156   -0.023  -4.513  1.00 0.00 ? 16 U A "C3'"  1 
ATOM 495 O "O3'"  . U A 1 16 ? 7.247   0.578   -5.202  1.00 0.00 ? 16 U A "O3'"  1 
ATOM 496 C "C2'"  . U A 1 16 ? 4.983   0.933   -4.319  1.00 0.00 ? 16 U A "C2'"  1 
ATOM 497 O "O2'"  . U A 1 16 ? 4.739   1.703   -5.481  1.00 0.00 ? 16 U A "O2'"  1 
ATOM 498 C "C1'"  . U A 1 16 ? 3.827   -0.050  -4.141  1.00 0.00 ? 16 U A "C1'"  1 
ATOM 499 N N1     . U A 1 16 ? 3.519   -0.338  -2.732  1.00 0.00 ? 16 U A N1     1 
ATOM 500 C C2     . U A 1 16 ? 2.824   0.621   -2.017  1.00 0.00 ? 16 U A C2     1 
ATOM 501 O O2     . U A 1 16 ? 2.463   1.679   -2.503  1.00 0.00 ? 16 U A O2     1 
ATOM 502 N N3     . U A 1 16 ? 2.564   0.293   -0.712  1.00 0.00 ? 16 U A N3     1 
ATOM 503 C C4     . U A 1 16 ? 2.914   -0.868  -0.061  1.00 0.00 ? 16 U A C4     1 
ATOM 504 O O4     . U A 1 16 ? 2.593   -1.020  1.119   1.00 0.00 ? 16 U A O4     1 
ATOM 505 C C5     . U A 1 16 ? 3.630   -1.808  -0.865  1.00 0.00 ? 16 U A C5     1 
ATOM 506 C C6     . U A 1 16 ? 3.907   -1.521  -2.141  1.00 0.00 ? 16 U A C6     1 
ATOM 507 H "H5'"  . U A 1 16 ? 5.796   -3.155  -6.000  1.00 0.00 ? 16 U A "H5'"  1 
ATOM 508 H "H5''" . U A 1 16 ? 7.282   -2.350  -5.463  1.00 0.00 ? 16 U A "H5''" 1 
ATOM 509 H "H4'"  . U A 1 16 ? 5.546   -0.824  -6.371  1.00 0.00 ? 16 U A "H4'"  1 
ATOM 510 H "H3'"  . U A 1 16 ? 6.558   -0.389  -3.568  1.00 0.00 ? 16 U A "H3'"  1 
ATOM 511 H "H2'"  . U A 1 16 ? 5.129   1.548   -3.429  1.00 0.00 ? 16 U A "H2'"  1 
ATOM 512 H "HO2'" . U A 1 16 ? 4.635   2.612   -5.196  1.00 0.00 ? 16 U A "HO2'" 1 
ATOM 513 H "H1'"  . U A 1 16 ? 2.912   0.303   -4.618  1.00 0.00 ? 16 U A "H1'"  1 
ATOM 514 H H3     . U A 1 16 ? 2.059   0.986   -0.175  1.00 0.00 ? 16 U A H3     1 
ATOM 515 H H5     . U A 1 16 ? 3.951   -2.758  -0.438  1.00 0.00 ? 16 U A H5     1 
ATOM 516 H H6     . U A 1 16 ? 4.465   -2.246  -2.733  1.00 0.00 ? 16 U A H6     1 
ATOM 517 P P      . G A 1 17 ? 8.198   1.623   -4.435  1.00 0.00 ? 17 G A P      1 
ATOM 518 O OP1    . G A 1 17 ? 9.400   1.868   -5.274  1.00 0.00 ? 17 G A OP1    1 
ATOM 519 O OP2    . G A 1 17 ? 8.363   1.146   -3.039  1.00 0.00 ? 17 G A OP2    1 
ATOM 520 O "O5'"  . G A 1 17 ? 7.340   2.965   -4.392  1.00 0.00 ? 17 G A "O5'"  1 
ATOM 521 C "C5'"  . G A 1 17 ? 6.925   3.612   -5.593  1.00 0.00 ? 17 G A "C5'"  1 
ATOM 522 C "C4'"  . G A 1 17 ? 6.237   4.916   -5.267  1.00 0.00 ? 17 G A "C4'"  1 
ATOM 523 O "O4'"  . G A 1 17 ? 5.000   4.623   -4.563  1.00 0.00 ? 17 G A "O4'"  1 
ATOM 524 C "C3'"  . G A 1 17 ? 7.015   5.843   -4.343  1.00 0.00 ? 17 G A "C3'"  1 
ATOM 525 O "O3'"  . G A 1 17 ? 7.862   6.718   -5.083  1.00 0.00 ? 17 G A "O3'"  1 
ATOM 526 C "C2'"  . G A 1 17 ? 5.912   6.589   -3.602  1.00 0.00 ? 17 G A "C2'"  1 
ATOM 527 O "O2'"  . G A 1 17 ? 5.374   7.627   -4.398  1.00 0.00 ? 17 G A "O2'"  1 
ATOM 528 C "C1'"  . G A 1 17 ? 4.860   5.491   -3.454  1.00 0.00 ? 17 G A "C1'"  1 
ATOM 529 N N9     . G A 1 17 ? 4.993   4.702   -2.233  1.00 0.00 ? 17 G A N9     1 
ATOM 530 C C8     . G A 1 17 ? 5.656   3.509   -2.088  1.00 0.00 ? 17 G A C8     1 
ATOM 531 N N7     . G A 1 17 ? 5.580   3.020   -0.882  1.00 0.00 ? 17 G A N7     1 
ATOM 532 C C5     . G A 1 17 ? 4.827   3.952   -0.181  1.00 0.00 ? 17 G A C5     1 
ATOM 533 C C6     . G A 1 17 ? 4.417   3.969   1.176   1.00 0.00 ? 17 G A C6     1 
ATOM 534 O O6     . G A 1 17 ? 4.639   3.132   2.059   1.00 0.00 ? 17 G A O6     1 
ATOM 535 N N1     . G A 1 17 ? 3.672   5.104   1.471   1.00 0.00 ? 17 G A N1     1 
ATOM 536 C C2     . G A 1 17 ? 3.362   6.097   0.579   1.00 0.00 ? 17 G A C2     1 
ATOM 537 N N2     . G A 1 17 ? 2.628   7.110   1.059   1.00 0.00 ? 17 G A N2     1 
ATOM 538 N N3     . G A 1 17 ? 3.738   6.098   -0.688  1.00 0.00 ? 17 G A N3     1 
ATOM 539 C C4     . G A 1 17 ? 4.463   5.002   -0.999  1.00 0.00 ? 17 G A C4     1 
ATOM 540 H "H5'"  . G A 1 17 ? 6.234   2.968   -6.138  1.00 0.00 ? 17 G A "H5'"  1 
ATOM 541 H "H5''" . G A 1 17 ? 7.790   3.815   -6.222  1.00 0.00 ? 17 G A "H5''" 1 
ATOM 542 H "H4'"  . G A 1 17 ? 6.090   5.455   -6.204  1.00 0.00 ? 17 G A "H4'"  1 
ATOM 543 H "H3'"  . G A 1 17 ? 7.669   5.286   -3.671  1.00 0.00 ? 17 G A "H3'"  1 
ATOM 544 H "H2'"  . G A 1 17 ? 6.267   6.941   -2.632  1.00 0.00 ? 17 G A "H2'"  1 
ATOM 545 H "HO2'" . G A 1 17 ? 5.965   7.738   -5.144  1.00 0.00 ? 17 G A "HO2'" 1 
ATOM 546 H "H1'"  . G A 1 17 ? 3.846   5.887   -3.489  1.00 0.00 ? 17 G A "H1'"  1 
ATOM 547 H H8     . G A 1 17 ? 6.195   3.028   -2.892  1.00 0.00 ? 17 G A H8     1 
ATOM 548 H H1     . G A 1 17 ? 3.339   5.199   2.418   1.00 0.00 ? 17 G A H1     1 
ATOM 549 H H21    . G A 1 17 ? 2.342   7.108   2.029   1.00 0.00 ? 17 G A H21    1 
ATOM 550 H H22    . G A 1 17 ? 2.363   7.872   0.452   1.00 0.00 ? 17 G A H22    1 
ATOM 551 P P      . A A 1 18 ? 9.196   7.305   -4.403  1.00 0.00 ? 18 A A P      1 
ATOM 552 O OP1    . A A 1 18 ? 9.890   8.157   -5.403  1.00 0.00 ? 18 A A OP1    1 
ATOM 553 O OP2    . A A 1 18 ? 9.922   6.171   -3.775  1.00 0.00 ? 18 A A OP2    1 
ATOM 554 O "O5'"  . A A 1 18 ? 8.650   8.242   -3.235  1.00 0.00 ? 18 A A "O5'"  1 
ATOM 555 C "C5'"  . A A 1 18 ? 7.954   9.451   -3.527  1.00 0.00 ? 18 A A "C5'"  1 
ATOM 556 C "C4'"  . A A 1 18 ? 7.835   10.294  -2.280  1.00 0.00 ? 18 A A "C4'"  1 
ATOM 557 O "O4'"  . A A 1 18 ? 6.752   9.773   -1.458  1.00 0.00 ? 18 A A "O4'"  1 
ATOM 558 C "C3'"  . A A 1 18 ? 9.060   10.277  -1.374  1.00 0.00 ? 18 A A "C3'"  1 
ATOM 559 O "O3'"  . A A 1 18 ? 9.999   11.277  -1.754  1.00 0.00 ? 18 A A "O3'"  1 
ATOM 560 C "C2'"  . A A 1 18 ? 8.456   10.527  0.001   1.00 0.00 ? 18 A A "C2'"  1 
ATOM 561 O "O2'"  . A A 1 18 ? 8.137   11.894  0.178   1.00 0.00 ? 18 A A "O2'"  1 
ATOM 562 C "C1'"  . A A 1 18 ? 7.160   9.727   -0.104  1.00 0.00 ? 18 A A "C1'"  1 
ATOM 563 N N9     . A A 1 18 ? 7.292   8.325   0.288   1.00 0.00 ? 18 A A N9     1 
ATOM 564 C C8     . A A 1 18 ? 7.667   7.246   -0.476  1.00 0.00 ? 18 A A C8     1 
ATOM 565 N N7     . A A 1 18 ? 7.675   6.112   0.183   1.00 0.00 ? 18 A A N7     1 
ATOM 566 C C5     . A A 1 18 ? 7.279   6.469   1.465   1.00 0.00 ? 18 A A C5     1 
ATOM 567 C C6     . A A 1 18 ? 7.088   5.725   2.643   1.00 0.00 ? 18 A A C6     1 
ATOM 568 N N6     . A A 1 18 ? 7.279   4.407   2.727   1.00 0.00 ? 18 A A N6     1 
ATOM 569 N N1     . A A 1 18 ? 6.688   6.391   3.748   1.00 0.00 ? 18 A A N1     1 
ATOM 570 C C2     . A A 1 18 ? 6.501   7.717   3.664   1.00 0.00 ? 18 A A C2     1 
ATOM 571 N N3     . A A 1 18 ? 6.650   8.522   2.620   1.00 0.00 ? 18 A A N3     1 
ATOM 572 C C4     . A A 1 18 ? 7.044   7.829   1.541   1.00 0.00 ? 18 A A C4     1 
ATOM 573 H "H5'"  . A A 1 18 ? 6.957   9.222   -3.902  1.00 0.00 ? 18 A A "H5'"  1 
ATOM 574 H "H5''" . A A 1 18 ? 8.495   10.017  -4.284  1.00 0.00 ? 18 A A "H5''" 1 
ATOM 575 H "H4'"  . A A 1 18 ? 7.688   11.328  -2.593  1.00 0.00 ? 18 A A "H4'"  1 
ATOM 576 H "H3'"  . A A 1 18 ? 9.588   9.326   -1.432  1.00 0.00 ? 18 A A "H3'"  1 
ATOM 577 H "H2'"  . A A 1 18 ? 9.107   10.139  0.786   1.00 0.00 ? 18 A A "H2'"  1 
ATOM 578 H "HO2'" . A A 1 18 ? 8.615   12.377  -0.497  1.00 0.00 ? 18 A A "HO2'" 1 
ATOM 579 H "H1'"  . A A 1 18 ? 6.356   10.167  0.492   1.00 0.00 ? 18 A A "H1'"  1 
ATOM 580 H H8     . A A 1 18 ? 7.929   7.325   -1.520  1.00 0.00 ? 18 A A H8     1 
ATOM 581 H H61    . A A 1 18 ? 7.125   3.924   3.603   1.00 0.00 ? 18 A A H61    1 
ATOM 582 H H62    . A A 1 18 ? 7.577   3.890   1.913   1.00 0.00 ? 18 A A H62    1 
ATOM 583 H H2     . A A 1 18 ? 6.175   8.205   4.580   1.00 0.00 ? 18 A A H2     1 
ATOM 584 P P      . C A 1 19 ? 11.576  10.975  -1.649  1.00 0.00 ? 19 C A P      1 
ATOM 585 O OP1    . C A 1 19 ? 12.282  12.043  -2.400  1.00 0.00 ? 19 C A OP1    1 
ATOM 586 O OP2    . C A 1 19 ? 11.812  9.550   -2.001  1.00 0.00 ? 19 C A OP2    1 
ATOM 587 O "O5'"  . C A 1 19 ? 11.896  11.161  -0.099  1.00 0.00 ? 19 C A "O5'"  1 
ATOM 588 C "C5'"  . C A 1 19 ? 11.473  12.329  0.600   1.00 0.00 ? 19 C A "C5'"  1 
ATOM 589 C "C4'"  . C A 1 19 ? 11.513  12.086  2.091   1.00 0.00 ? 19 C A "C4'"  1 
ATOM 590 O "O4'"  . C A 1 19 ? 10.398  11.230  2.464   1.00 0.00 ? 19 C A "O4'"  1 
ATOM 591 C "C3'"  . C A 1 19 ? 12.740  11.343  2.602   1.00 0.00 ? 19 C A "C3'"  1 
ATOM 592 O "O3'"  . C A 1 19 ? 13.838  12.222  2.817   1.00 0.00 ? 19 C A "O3'"  1 
ATOM 593 C "C2'"  . C A 1 19 ? 12.223  10.725  3.894   1.00 0.00 ? 19 C A "C2'"  1 
ATOM 594 O "O2'"  . C A 1 19 ? 12.139  11.689  4.925   1.00 0.00 ? 19 C A "O2'"  1 
ATOM 595 C "C1'"  . C A 1 19 ? 10.809  10.325  3.476   1.00 0.00 ? 19 C A "C1'"  1 
ATOM 596 N N1     . C A 1 19 ? 10.716  8.955   2.943   1.00 0.00 ? 19 C A N1     1 
ATOM 597 C C2     . C A 1 19 ? 10.504  7.901   3.833   1.00 0.00 ? 19 C A C2     1 
ATOM 598 O O2     . C A 1 19 ? 10.411  8.147   5.044   1.00 0.00 ? 19 C A O2     1 
ATOM 599 N N3     . C A 1 19 ? 10.405  6.641   3.355   1.00 0.00 ? 19 C A N3     1 
ATOM 600 C C4     . C A 1 19 ? 10.511  6.415   2.044   1.00 0.00 ? 19 C A C4     1 
ATOM 601 N N4     . C A 1 19 ? 10.403  5.158   1.617   1.00 0.00 ? 19 C A N4     1 
ATOM 602 C C5     . C A 1 19 ? 10.733  7.471   1.113   1.00 0.00 ? 19 C A C5     1 
ATOM 603 C C6     . C A 1 19 ? 10.832  8.713   1.603   1.00 0.00 ? 19 C A C6     1 
ATOM 604 H "H5'"  . C A 1 19 ? 10.455  12.587  0.306   1.00 0.00 ? 19 C A "H5'"  1 
ATOM 605 H "H5''" . C A 1 19 ? 12.133  13.162  0.360   1.00 0.00 ? 19 C A "H5''" 1 
ATOM 606 H "H4'"  . C A 1 19 ? 11.503  13.057  2.585   1.00 0.00 ? 19 C A "H4'"  1 
ATOM 607 H "H3'"  . C A 1 19 ? 13.083  10.596  1.887   1.00 0.00 ? 19 C A "H3'"  1 
ATOM 608 H "H2'"  . C A 1 19 ? 12.822  9.856   4.174   1.00 0.00 ? 19 C A "H2'"  1 
ATOM 609 H "HO2'" . C A 1 19 ? 12.611  12.463  4.614   1.00 0.00 ? 19 C A "HO2'" 1 
ATOM 610 H "H1'"  . C A 1 19 ? 10.095  10.417  4.295   1.00 0.00 ? 19 C A "H1'"  1 
ATOM 611 H H41    . C A 1 19 ? 10.246  4.415   2.284   1.00 0.00 ? 19 C A H41    1 
ATOM 612 H H42    . C A 1 19 ? 10.478  4.950   0.631   1.00 0.00 ? 19 C A H42    1 
ATOM 613 H H5     . C A 1 19 ? 10.824  7.274   0.046   1.00 0.00 ? 19 C A H5     1 
ATOM 614 H H6     . C A 1 19 ? 11.011  9.543   0.919   1.00 0.00 ? 19 C A H6     1 
ATOM 615 P P      . C A 1 20 ? 15.332  11.632  2.871   1.00 0.00 ? 20 C A P      1 
ATOM 616 O OP1    . C A 1 20 ? 16.262  12.787  2.953   1.00 0.00 ? 20 C A OP1    1 
ATOM 617 O OP2    . C A 1 20 ? 15.489  10.641  1.776   1.00 0.00 ? 20 C A OP2    1 
ATOM 618 O "O5'"  . C A 1 20 ? 15.385  10.851  4.259   1.00 0.00 ? 20 C A "O5'"  1 
ATOM 619 C "C5'"  . C A 1 20 ? 15.334  11.553  5.499   1.00 0.00 ? 20 C A "C5'"  1 
ATOM 620 C "C4'"  . C A 1 20 ? 15.622  10.610  6.643   1.00 0.00 ? 20 C A "C4'"  1 
ATOM 621 O "O4'"  . C A 1 20 ? 14.466  9.751   6.842   1.00 0.00 ? 20 C A "O4'"  1 
ATOM 622 C "C3'"  . C A 1 20 ? 16.786  9.654   6.420   1.00 0.00 ? 20 C A "C3'"  1 
ATOM 623 O "O3'"  . C A 1 20 ? 18.041  10.227  6.794   1.00 0.00 ? 20 C A "O3'"  1 
ATOM 624 C "C2'"  . C A 1 20 ? 16.410  8.466   7.297   1.00 0.00 ? 20 C A "C2'"  1 
ATOM 625 O "O2'"  . C A 1 20 ? 16.705  8.721   8.658   1.00 0.00 ? 20 C A "O2'"  1 
ATOM 626 C "C1'"  . C A 1 20 ? 14.892  8.431   7.122   1.00 0.00 ? 20 C A "C1'"  1 
ATOM 627 N N1     . C A 1 20 ? 14.438  7.554   6.031   1.00 0.00 ? 20 C A N1     1 
ATOM 628 C C2     . C A 1 20 ? 14.119  6.225   6.321   1.00 0.00 ? 20 C A C2     1 
ATOM 629 O O2     . C A 1 20 ? 14.236  5.819   7.487   1.00 0.00 ? 20 C A O2     1 
ATOM 630 N N3     . C A 1 20 ? 13.693  5.414   5.325   1.00 0.00 ? 20 C A N3     1 
ATOM 631 C C4     . C A 1 20 ? 13.581  5.889   4.082   1.00 0.00 ? 20 C A C4     1 
ATOM 632 N N4     . C A 1 20 ? 13.154  5.058   3.131   1.00 0.00 ? 20 C A N4     1 
ATOM 633 C C5     . C A 1 20 ? 13.901  7.239   3.758   1.00 0.00 ? 20 C A C5     1 
ATOM 634 C C6     . C A 1 20 ? 14.324  8.027   4.753   1.00 0.00 ? 20 C A C6     1 
ATOM 635 H "H5'"  . C A 1 20 ? 14.343  11.990  5.634   1.00 0.00 ? 20 C A "H5'"  1 
ATOM 636 H "H5''" . C A 1 20 ? 16.075  12.352  5.503   1.00 0.00 ? 20 C A "H5''" 1 
ATOM 637 H "H4'"  . C A 1 20 ? 15.871  11.216  7.516   1.00 0.00 ? 20 C A "H4'"  1 
ATOM 638 H "H3'"  . C A 1 20 ? 16.883  9.383   5.369   1.00 0.00 ? 20 C A "H3'"  1 
ATOM 639 H "HO3'" . C A 1 20 ? 18.331  9.774   7.591   1.00 0.00 ? 20 C A "HO3'" 1 
ATOM 640 H "H2'"  . C A 1 20 ? 16.879  7.551   6.927   1.00 0.00 ? 20 C A "H2'"  1 
ATOM 641 H "HO2'" . C A 1 20 ? 15.946  9.165   9.040   1.00 0.00 ? 20 C A "HO2'" 1 
ATOM 642 H "H1'"  . C A 1 20 ? 14.383  8.122   8.035   1.00 0.00 ? 20 C A "H1'"  1 
ATOM 643 H H41    . C A 1 20 ? 12.923  4.098   3.361   1.00 0.00 ? 20 C A H41    1 
ATOM 644 H H42    . C A 1 20 ? 13.058  5.385   2.182   1.00 0.00 ? 20 C A H42    1 
ATOM 645 H H5     . C A 1 20 ? 13.805  7.614   2.739   1.00 0.00 ? 20 C A H5     1 
ATOM 646 H H6     . C A 1 20 ? 14.586  9.063   4.537   1.00 0.00 ? 20 C A H6     1 
# 
